data_7FH3
#
_entry.id   7FH3
#
_cell.length_a   179.859
_cell.length_b   179.859
_cell.length_c   79.289
_cell.angle_alpha   90.000
_cell.angle_beta   90.000
_cell.angle_gamma   120.000
#
_symmetry.space_group_name_H-M   'H 3'
#
loop_
_entity.id
_entity.type
_entity.pdbx_description
1 polymer "Bifunctional 3'-phosphoadenosine 5'-phosphosulfate synthase 2"
2 non-polymer 'SULFATE ION'
3 non-polymer beta-D-glucopyranose
4 water water
#
_entity_poly.entity_id   1
_entity_poly.type   'polypeptide(L)'
_entity_poly.pdbx_seq_one_letter_code
;SDIHELFVPENKLDHVRAEAETLPSLSITKLDLQWVQVLSEGWATPLKGFMREKEYLQVMHFDTLLDDGVINMSIPIVLP
VSAEDKTRLEGCSKFVLAHGGRRVAILRDAEFYEHRKEERCSRVWGTTCTKHPHIKMVMESGDWLVGGDLQVLEKIRWND
GLDQYRLTPLELKQKCKEMNADAVFAFQLRNPVHNGHALLMQDTRRRLLERGYKHPVLLLHPLGGWTKDDDVPLDWRMKQ
HAAVLEEGVLDPKSTIVAIFPSPMLYAGPTEVQWHCRSRMIAGANFYIVGRDPAGMPHPETKKDLYEPTHGGKVLSMAPG
LTSVEIIPFRVAAYNKAKKAMDFYDPARHNEFDFISGTRMRKLAREGENPPDGFMAPKAWKVLTDYYRSLEKN
;
_entity_poly.pdbx_strand_id   A,B
#
loop_
_chem_comp.id
_chem_comp.type
_chem_comp.name
_chem_comp.formula
BGC D-saccharide, beta linking beta-D-glucopyranose 'C6 H12 O6'
SO4 non-polymer 'SULFATE ION' 'O4 S -2'
#
# COMPACT_ATOMS: atom_id res chain seq x y z
N SER A 1 -8.45 2.97 23.70
CA SER A 1 -9.41 2.16 24.44
C SER A 1 -10.82 2.74 24.34
N ASP A 2 -10.93 3.99 23.92
CA ASP A 2 -12.24 4.58 23.71
C ASP A 2 -12.83 4.06 22.39
N ILE A 3 -14.14 3.93 22.37
CA ILE A 3 -14.88 3.49 21.19
C ILE A 3 -15.72 4.68 20.73
N HIS A 4 -15.63 5.04 19.44
CA HIS A 4 -16.38 6.18 18.91
CA HIS A 4 -16.38 6.18 18.92
C HIS A 4 -17.58 5.67 18.12
N GLU A 5 -18.72 5.49 18.82
CA GLU A 5 -19.97 5.17 18.15
C GLU A 5 -20.51 6.42 17.47
N LEU A 6 -21.35 6.22 16.44
CA LEU A 6 -21.86 7.32 15.65
C LEU A 6 -23.38 7.50 15.78
N PHE A 7 -24.00 6.96 16.82
CA PHE A 7 -25.46 6.99 16.96
C PHE A 7 -25.96 8.31 17.52
N VAL A 8 -27.15 8.71 17.06
CA VAL A 8 -27.88 9.81 17.69
C VAL A 8 -28.20 9.44 19.14
N PRO A 9 -28.05 10.35 20.10
CA PRO A 9 -28.47 10.06 21.49
C PRO A 9 -29.91 9.56 21.59
N GLU A 10 -30.12 8.62 22.50
CA GLU A 10 -31.43 7.99 22.67
C GLU A 10 -32.54 9.04 22.86
N ASN A 11 -32.29 10.04 23.71
CA ASN A 11 -33.31 11.03 24.05
C ASN A 11 -33.61 11.98 22.90
N LYS A 12 -32.78 12.02 21.85
CA LYS A 12 -33.00 12.90 20.73
C LYS A 12 -33.54 12.20 19.49
N LEU A 13 -33.61 10.87 19.52
CA LEU A 13 -33.91 10.10 18.30
C LEU A 13 -35.27 10.47 17.72
N ASP A 14 -36.33 10.52 18.55
CA ASP A 14 -37.66 10.75 17.99
C ASP A 14 -37.73 12.09 17.25
N HIS A 15 -37.11 13.13 17.83
CA HIS A 15 -37.08 14.45 17.19
C HIS A 15 -36.20 14.43 15.94
N VAL A 16 -34.99 13.88 16.06
CA VAL A 16 -34.07 13.80 14.93
C VAL A 16 -34.71 13.04 13.76
N ARG A 17 -35.34 11.90 14.06
CA ARG A 17 -35.98 11.12 13.02
C ARG A 17 -37.09 11.90 12.37
N ALA A 18 -37.87 12.62 13.19
CA ALA A 18 -38.94 13.45 12.65
C ALA A 18 -38.40 14.49 11.69
N GLU A 19 -37.29 15.15 12.03
CA GLU A 19 -36.79 16.20 11.15
C GLU A 19 -36.12 15.67 9.90
N ALA A 20 -35.36 14.56 9.99
CA ALA A 20 -34.66 14.05 8.81
C ALA A 20 -35.59 13.73 7.65
N GLU A 21 -36.90 13.62 7.89
CA GLU A 21 -37.86 13.43 6.80
C GLU A 21 -37.84 14.58 5.79
N THR A 22 -37.38 15.78 6.17
CA THR A 22 -37.36 16.94 5.29
C THR A 22 -36.08 17.07 4.48
N LEU A 23 -35.04 16.28 4.79
CA LEU A 23 -33.75 16.47 4.13
C LEU A 23 -33.71 15.76 2.78
N PRO A 24 -32.90 16.24 1.85
CA PRO A 24 -32.66 15.45 0.63
C PRO A 24 -32.00 14.13 1.02
N SER A 25 -32.21 13.13 0.18
CA SER A 25 -31.82 11.78 0.55
C SER A 25 -31.05 11.13 -0.57
N LEU A 26 -30.19 10.19 -0.18
CA LEU A 26 -29.38 9.42 -1.11
C LEU A 26 -29.66 7.95 -0.83
N SER A 27 -30.06 7.19 -1.84
CA SER A 27 -30.35 5.77 -1.68
CA SER A 27 -30.34 5.78 -1.66
C SER A 27 -29.03 4.99 -1.72
N ILE A 28 -28.85 4.08 -0.75
CA ILE A 28 -27.63 3.28 -0.68
C ILE A 28 -28.00 1.80 -0.79
N THR A 29 -27.02 0.99 -1.14
CA THR A 29 -27.23 -0.46 -1.31
C THR A 29 -27.14 -1.20 0.02
N LYS A 30 -27.48 -2.51 -0.03
CA LYS A 30 -27.37 -3.35 1.16
C LYS A 30 -25.93 -3.42 1.65
N LEU A 31 -24.97 -3.61 0.72
CA LEU A 31 -23.56 -3.59 1.10
C LEU A 31 -23.17 -2.27 1.79
N ASP A 32 -23.57 -1.13 1.22
CA ASP A 32 -23.36 0.17 1.88
C ASP A 32 -23.95 0.19 3.28
N LEU A 33 -25.15 -0.36 3.45
CA LEU A 33 -25.80 -0.35 4.73
C LEU A 33 -25.03 -1.21 5.75
N GLN A 34 -24.48 -2.34 5.29
CA GLN A 34 -23.60 -3.09 6.18
C GLN A 34 -22.40 -2.27 6.60
N TRP A 35 -21.85 -1.43 5.68
CA TRP A 35 -20.76 -0.55 6.13
C TRP A 35 -21.25 0.51 7.11
N VAL A 36 -22.47 1.05 6.89
CA VAL A 36 -23.03 1.96 7.90
C VAL A 36 -23.10 1.28 9.26
N GLN A 37 -23.50 0.00 9.28
CA GLN A 37 -23.54 -0.68 10.57
C GLN A 37 -22.13 -0.74 11.18
N VAL A 38 -21.14 -1.11 10.37
CA VAL A 38 -19.75 -1.17 10.84
C VAL A 38 -19.32 0.18 11.44
N LEU A 39 -19.56 1.26 10.71
CA LEU A 39 -19.19 2.59 11.17
C LEU A 39 -19.95 3.00 12.42
N SER A 40 -21.25 2.71 12.46
CA SER A 40 -22.09 3.19 13.54
C SER A 40 -21.66 2.65 14.89
N GLU A 41 -21.15 1.41 14.94
CA GLU A 41 -20.90 0.71 16.18
C GLU A 41 -19.49 0.96 16.70
N GLY A 42 -18.69 1.69 15.94
CA GLY A 42 -17.34 2.08 16.33
C GLY A 42 -16.26 1.06 16.01
N TRP A 43 -16.57 0.06 15.17
CA TRP A 43 -15.55 -0.91 14.74
C TRP A 43 -14.36 -0.23 14.07
N ALA A 44 -14.59 0.89 13.41
CA ALA A 44 -13.54 1.63 12.69
C ALA A 44 -13.13 2.89 13.45
N THR A 45 -13.28 2.86 14.78
CA THR A 45 -12.85 3.96 15.66
C THR A 45 -11.42 4.37 15.30
N PRO A 46 -11.15 5.67 15.15
CA PRO A 46 -12.01 6.86 15.37
C PRO A 46 -12.55 7.49 14.12
N LEU A 47 -12.78 6.72 13.04
CA LEU A 47 -13.43 7.29 11.87
C LEU A 47 -14.73 7.99 12.24
N LYS A 48 -14.96 9.15 11.62
CA LYS A 48 -16.18 9.93 11.89
C LYS A 48 -17.31 9.65 10.92
N GLY A 49 -17.05 8.83 9.90
CA GLY A 49 -18.04 8.57 8.88
C GLY A 49 -17.35 7.85 7.73
N PHE A 50 -18.01 7.90 6.58
CA PHE A 50 -17.37 7.41 5.36
C PHE A 50 -16.16 8.25 5.04
N MET A 51 -15.11 7.61 4.52
CA MET A 51 -13.80 8.23 4.46
C MET A 51 -13.76 9.42 3.51
N ARG A 52 -13.20 10.53 3.97
CA ARG A 52 -12.88 11.65 3.10
C ARG A 52 -11.66 11.31 2.22
N GLU A 53 -11.37 12.19 1.25
CA GLU A 53 -10.33 11.87 0.28
C GLU A 53 -8.97 11.61 0.94
N LYS A 54 -8.57 12.47 1.86
CA LYS A 54 -7.24 12.35 2.50
C LYS A 54 -7.17 11.11 3.37
N GLU A 55 -8.29 10.75 4.01
CA GLU A 55 -8.28 9.51 4.78
C GLU A 55 -8.15 8.31 3.86
N TYR A 56 -8.91 8.31 2.76
CA TYR A 56 -8.85 7.23 1.78
C TYR A 56 -7.44 7.03 1.26
N LEU A 57 -6.79 8.14 0.87
CA LEU A 57 -5.42 8.03 0.36
C LEU A 57 -4.49 7.43 1.39
N GLN A 58 -4.60 7.89 2.65
CA GLN A 58 -3.65 7.37 3.64
CA GLN A 58 -3.68 7.37 3.67
C GLN A 58 -3.88 5.88 3.88
N VAL A 59 -5.14 5.45 3.88
CA VAL A 59 -5.42 4.02 4.04
C VAL A 59 -4.83 3.22 2.88
N MET A 60 -5.05 3.67 1.64
CA MET A 60 -4.61 2.90 0.48
C MET A 60 -3.09 2.84 0.39
N HIS A 61 -2.41 3.92 0.74
CA HIS A 61 -0.95 3.96 0.56
C HIS A 61 -0.17 3.48 1.80
N PHE A 62 -0.74 3.61 3.00
CA PHE A 62 0.02 3.37 4.21
C PHE A 62 -0.66 2.43 5.20
N ASP A 63 -1.92 2.03 4.98
CA ASP A 63 -2.67 1.17 5.90
C ASP A 63 -2.81 1.79 7.30
N THR A 64 -2.81 3.13 7.41
CA THR A 64 -2.98 3.81 8.68
C THR A 64 -3.96 4.97 8.52
N LEU A 65 -4.59 5.36 9.61
CA LEU A 65 -5.59 6.43 9.57
C LEU A 65 -5.02 7.80 9.88
N LEU A 66 -5.57 8.82 9.20
CA LEU A 66 -5.37 10.25 9.49
C LEU A 66 -5.66 10.53 10.95
N ASP A 67 -4.60 10.85 11.70
CA ASP A 67 -4.71 10.98 13.14
C ASP A 67 -3.39 11.50 13.68
N ASP A 68 -3.44 12.32 14.72
CA ASP A 68 -2.21 12.76 15.38
C ASP A 68 -1.39 11.59 15.90
N GLY A 69 -2.00 10.41 16.05
CA GLY A 69 -1.28 9.21 16.42
C GLY A 69 -1.34 8.21 15.27
N VAL A 70 -0.78 7.03 15.51
CA VAL A 70 -0.74 5.96 14.51
C VAL A 70 -1.86 4.97 14.82
N ILE A 71 -2.77 4.77 13.86
CA ILE A 71 -3.94 3.92 14.02
C ILE A 71 -3.98 3.01 12.81
N ASN A 72 -4.06 1.70 13.02
CA ASN A 72 -4.14 0.78 11.89
C ASN A 72 -5.51 0.92 11.21
N MET A 73 -5.51 1.05 9.87
CA MET A 73 -6.77 1.09 9.11
C MET A 73 -6.37 0.72 7.67
N SER A 74 -6.60 -0.55 7.30
CA SER A 74 -6.03 -1.05 6.06
C SER A 74 -7.04 -1.16 4.91
N ILE A 75 -8.33 -0.99 5.16
CA ILE A 75 -9.29 -1.13 4.07
C ILE A 75 -10.06 0.17 3.91
N PRO A 76 -10.44 0.55 2.70
CA PRO A 76 -11.30 1.74 2.56
C PRO A 76 -12.70 1.42 3.05
N ILE A 77 -13.31 2.36 3.78
CA ILE A 77 -14.74 2.32 4.04
C ILE A 77 -15.30 3.57 3.38
N VAL A 78 -15.87 3.38 2.18
CA VAL A 78 -16.23 4.49 1.29
C VAL A 78 -17.62 4.23 0.73
N LEU A 79 -18.27 5.30 0.30
CA LEU A 79 -19.63 5.24 -0.21
C LEU A 79 -19.66 5.68 -1.66
N PRO A 80 -19.79 4.75 -2.60
CA PRO A 80 -19.83 5.10 -4.03
C PRO A 80 -21.17 5.72 -4.38
N VAL A 81 -21.12 6.67 -5.30
CA VAL A 81 -22.27 7.47 -5.70
CA VAL A 81 -22.32 7.38 -5.74
C VAL A 81 -22.21 7.66 -7.23
N SER A 82 -23.38 7.72 -7.88
CA SER A 82 -23.41 7.99 -9.31
C SER A 82 -23.10 9.47 -9.59
N ALA A 83 -22.72 9.77 -10.84
CA ALA A 83 -22.47 11.15 -11.21
C ALA A 83 -23.73 12.00 -11.05
N GLU A 84 -24.89 11.42 -11.40
CA GLU A 84 -26.17 12.11 -11.20
C GLU A 84 -26.35 12.51 -9.75
N ASP A 85 -26.15 11.58 -8.84
CA ASP A 85 -26.36 11.91 -7.44
C ASP A 85 -25.32 12.92 -6.94
N LYS A 86 -24.07 12.81 -7.38
CA LYS A 86 -23.06 13.80 -7.02
C LYS A 86 -23.49 15.20 -7.46
N THR A 87 -23.96 15.31 -8.70
CA THR A 87 -24.42 16.59 -9.21
C THR A 87 -25.54 17.14 -8.35
N ARG A 88 -26.49 16.27 -7.96
CA ARG A 88 -27.62 16.71 -7.15
C ARG A 88 -27.22 17.13 -5.74
N LEU A 89 -26.24 16.46 -5.12
CA LEU A 89 -26.00 16.64 -3.70
C LEU A 89 -24.76 17.46 -3.33
N GLU A 90 -23.86 17.75 -4.28
CA GLU A 90 -22.65 18.47 -3.90
C GLU A 90 -23.01 19.87 -3.42
N GLY A 91 -22.34 20.33 -2.38
CA GLY A 91 -22.76 21.56 -1.75
C GLY A 91 -23.97 21.43 -0.83
N CYS A 92 -24.64 20.27 -0.79
CA CYS A 92 -25.60 20.01 0.28
C CYS A 92 -24.84 19.57 1.53
N SER A 93 -24.87 20.41 2.57
CA SER A 93 -24.10 20.16 3.79
C SER A 93 -24.77 19.22 4.79
N LYS A 94 -25.98 18.73 4.50
CA LYS A 94 -26.63 17.80 5.43
C LYS A 94 -27.67 17.01 4.65
N PHE A 95 -27.39 15.74 4.33
CA PHE A 95 -28.42 14.95 3.66
C PHE A 95 -28.53 13.58 4.31
N VAL A 96 -29.56 12.84 3.94
CA VAL A 96 -29.90 11.59 4.57
C VAL A 96 -29.46 10.44 3.67
N LEU A 97 -29.04 9.34 4.28
CA LEU A 97 -28.89 8.05 3.61
C LEU A 97 -30.10 7.17 3.95
N ALA A 98 -30.61 6.51 2.90
CA ALA A 98 -31.83 5.71 2.97
C ALA A 98 -31.65 4.37 2.28
N HIS A 99 -32.32 3.35 2.83
CA HIS A 99 -32.26 2.05 2.19
C HIS A 99 -33.57 1.37 2.51
N GLY A 100 -34.18 0.75 1.50
CA GLY A 100 -35.41 -0.01 1.69
C GLY A 100 -36.55 0.81 2.26
N GLY A 101 -36.64 2.09 1.93
CA GLY A 101 -37.69 2.98 2.41
C GLY A 101 -37.46 3.59 3.78
N ARG A 102 -36.32 3.37 4.40
CA ARG A 102 -36.05 3.88 5.73
C ARG A 102 -34.87 4.83 5.69
N ARG A 103 -34.98 5.98 6.36
CA ARG A 103 -33.87 6.92 6.49
C ARG A 103 -33.01 6.44 7.64
N VAL A 104 -31.77 6.03 7.36
CA VAL A 104 -30.98 5.39 8.40
C VAL A 104 -29.90 6.27 8.95
N ALA A 105 -29.47 7.32 8.22
CA ALA A 105 -28.38 8.11 8.77
C ALA A 105 -28.38 9.46 8.09
N ILE A 106 -27.63 10.41 8.68
CA ILE A 106 -27.38 11.73 8.12
C ILE A 106 -25.88 11.87 7.86
N LEU A 107 -25.53 12.30 6.64
CA LEU A 107 -24.16 12.60 6.22
C LEU A 107 -23.98 14.13 6.17
N ARG A 108 -23.09 14.65 7.02
CA ARG A 108 -22.85 16.08 7.19
C ARG A 108 -21.50 16.48 6.61
N ASP A 109 -21.47 17.69 6.04
CA ASP A 109 -20.25 18.29 5.47
C ASP A 109 -19.60 17.34 4.45
N ALA A 110 -20.43 16.82 3.56
CA ALA A 110 -20.00 15.81 2.61
C ALA A 110 -19.01 16.38 1.60
N GLU A 111 -18.04 15.57 1.19
CA GLU A 111 -17.17 15.89 0.07
C GLU A 111 -17.18 14.75 -0.93
N PHE A 112 -17.16 15.09 -2.21
CA PHE A 112 -17.22 14.15 -3.32
C PHE A 112 -15.89 14.13 -4.03
N TYR A 113 -15.39 12.94 -4.32
CA TYR A 113 -14.10 12.83 -4.99
C TYR A 113 -14.14 11.61 -5.89
N GLU A 114 -13.19 11.55 -6.82
CA GLU A 114 -13.22 10.56 -7.87
C GLU A 114 -13.03 9.16 -7.31
N HIS A 115 -13.85 8.22 -7.79
CA HIS A 115 -13.68 6.79 -7.51
C HIS A 115 -12.83 6.21 -8.62
N ARG A 116 -11.53 6.10 -8.34
CA ARG A 116 -10.59 5.55 -9.31
C ARG A 116 -10.59 4.07 -9.04
N LYS A 117 -11.46 3.34 -9.74
CA LYS A 117 -11.77 1.98 -9.32
C LYS A 117 -10.61 1.03 -9.56
N GLU A 118 -9.96 1.13 -10.72
CA GLU A 118 -8.86 0.20 -11.00
C GLU A 118 -7.76 0.35 -9.97
N GLU A 119 -7.45 1.59 -9.60
CA GLU A 119 -6.38 1.81 -8.62
C GLU A 119 -6.76 1.28 -7.24
N ARG A 120 -8.01 1.52 -6.85
CA ARG A 120 -8.49 1.01 -5.55
C ARG A 120 -8.37 -0.51 -5.50
N CYS A 121 -8.87 -1.19 -6.55
CA CYS A 121 -8.82 -2.66 -6.56
C CYS A 121 -7.39 -3.16 -6.57
N SER A 122 -6.53 -2.55 -7.39
CA SER A 122 -5.12 -2.96 -7.42
C SER A 122 -4.44 -2.80 -6.07
N ARG A 123 -4.61 -1.64 -5.43
CA ARG A 123 -3.86 -1.40 -4.21
C ARG A 123 -4.45 -2.16 -3.04
N VAL A 124 -5.77 -2.38 -3.00
CA VAL A 124 -6.34 -3.06 -1.83
C VAL A 124 -6.24 -4.57 -1.96
N TRP A 125 -6.57 -5.13 -3.15
CA TRP A 125 -6.54 -6.58 -3.33
C TRP A 125 -5.24 -7.10 -3.93
N GLY A 126 -4.37 -6.23 -4.44
CA GLY A 126 -3.19 -6.77 -5.10
C GLY A 126 -3.46 -7.51 -6.38
N THR A 127 -4.58 -7.22 -7.01
CA THR A 127 -5.04 -7.75 -8.29
C THR A 127 -6.23 -6.91 -8.78
N THR A 128 -6.58 -6.91 -10.04
CA THR A 128 -7.83 -6.26 -10.47
C THR A 128 -8.73 -7.27 -11.15
N CYS A 129 -8.49 -8.55 -10.87
CA CYS A 129 -9.16 -9.63 -11.50
C CYS A 129 -10.59 -9.42 -11.30
N THR A 130 -11.21 -9.18 -12.42
CA THR A 130 -12.60 -8.85 -12.45
C THR A 130 -13.51 -9.90 -12.00
N LYS A 131 -13.17 -11.15 -12.10
CA LYS A 131 -13.98 -12.19 -11.60
C LYS A 131 -14.05 -12.28 -10.05
N HIS A 132 -13.09 -11.78 -9.33
CA HIS A 132 -13.21 -11.75 -7.88
C HIS A 132 -14.54 -11.11 -7.50
N PRO A 133 -15.37 -11.79 -6.70
CA PRO A 133 -16.74 -11.35 -6.50
C PRO A 133 -16.88 -10.02 -5.76
N HIS A 134 -15.92 -9.63 -4.88
CA HIS A 134 -16.06 -8.30 -4.26
C HIS A 134 -15.51 -7.22 -5.18
N ILE A 135 -14.40 -7.52 -5.87
CA ILE A 135 -13.89 -6.59 -6.89
C ILE A 135 -14.97 -6.29 -7.92
N LYS A 136 -15.74 -7.31 -8.29
CA LYS A 136 -16.82 -7.09 -9.27
C LYS A 136 -17.82 -6.07 -8.75
N MET A 137 -18.12 -6.11 -7.46
CA MET A 137 -19.05 -5.12 -6.90
C MET A 137 -18.46 -3.73 -6.93
N VAL A 138 -17.16 -3.60 -6.65
CA VAL A 138 -16.54 -2.27 -6.74
C VAL A 138 -16.55 -1.77 -8.19
N MET A 139 -16.21 -2.64 -9.14
CA MET A 139 -16.14 -2.18 -10.53
C MET A 139 -17.50 -1.72 -11.04
N GLU A 140 -18.59 -2.29 -10.53
CA GLU A 140 -19.92 -1.93 -10.98
C GLU A 140 -20.51 -0.74 -10.24
N SER A 141 -19.81 -0.16 -9.27
CA SER A 141 -20.40 0.92 -8.48
C SER A 141 -20.16 2.27 -9.18
N GLY A 142 -20.58 3.35 -8.54
CA GLY A 142 -20.55 4.66 -9.18
C GLY A 142 -19.14 5.22 -9.31
N ASP A 143 -19.01 6.27 -10.12
CA ASP A 143 -17.69 6.85 -10.43
C ASP A 143 -17.26 7.88 -9.41
N TRP A 144 -18.08 8.16 -8.40
CA TRP A 144 -17.70 9.09 -7.35
C TRP A 144 -17.77 8.39 -5.99
N LEU A 145 -17.02 8.94 -5.03
CA LEU A 145 -17.09 8.56 -3.63
C LEU A 145 -17.52 9.78 -2.83
N VAL A 146 -18.26 9.56 -1.76
CA VAL A 146 -18.65 10.64 -0.88
C VAL A 146 -18.24 10.29 0.54
N GLY A 147 -17.52 11.22 1.17
CA GLY A 147 -17.12 11.09 2.55
C GLY A 147 -17.75 12.18 3.40
N GLY A 148 -17.81 11.98 4.72
CA GLY A 148 -18.40 13.00 5.56
C GLY A 148 -18.66 12.46 6.96
N ASP A 149 -19.18 13.34 7.81
CA ASP A 149 -19.47 12.97 9.18
C ASP A 149 -20.80 12.23 9.21
N LEU A 150 -20.82 11.05 9.79
CA LEU A 150 -22.02 10.23 9.77
C LEU A 150 -22.65 10.19 11.14
N GLN A 151 -23.94 10.47 11.20
CA GLN A 151 -24.73 10.28 12.41
C GLN A 151 -25.83 9.27 12.12
N VAL A 152 -25.85 8.17 12.85
CA VAL A 152 -26.73 7.06 12.51
C VAL A 152 -27.91 7.09 13.48
N LEU A 153 -29.13 6.94 12.96
CA LEU A 153 -30.31 7.18 13.80
C LEU A 153 -30.48 6.10 14.85
N GLU A 154 -30.34 4.83 14.47
CA GLU A 154 -30.39 3.81 15.50
C GLU A 154 -29.66 2.59 15.01
N LYS A 155 -29.51 1.62 15.91
CA LYS A 155 -28.89 0.34 15.59
C LYS A 155 -29.52 -0.28 14.36
N ILE A 156 -28.67 -0.70 13.42
CA ILE A 156 -29.11 -1.32 12.18
C ILE A 156 -29.51 -2.75 12.53
N ARG A 157 -30.80 -3.06 12.40
CA ARG A 157 -31.27 -4.42 12.63
C ARG A 157 -31.59 -5.09 11.30
N TRP A 158 -31.35 -6.42 11.20
CA TRP A 158 -31.69 -7.16 10.00
C TRP A 158 -32.96 -7.98 10.18
N ASN A 159 -33.42 -8.14 11.42
CA ASN A 159 -34.71 -8.78 11.73
C ASN A 159 -34.82 -10.18 11.15
N ASP A 160 -33.69 -10.92 11.21
CA ASP A 160 -33.59 -12.26 10.64
C ASP A 160 -33.45 -13.31 11.71
N GLY A 161 -33.65 -12.94 12.99
CA GLY A 161 -33.44 -13.87 14.07
C GLY A 161 -32.01 -13.93 14.57
N LEU A 162 -31.10 -13.19 13.96
CA LEU A 162 -29.71 -13.23 14.39
C LEU A 162 -29.28 -11.93 15.04
N ASP A 163 -30.13 -10.91 15.12
CA ASP A 163 -29.66 -9.65 15.72
C ASP A 163 -29.17 -9.83 17.17
N GLN A 164 -29.69 -10.83 17.89
CA GLN A 164 -29.25 -11.15 19.26
C GLN A 164 -27.74 -11.40 19.32
N TYR A 165 -27.16 -11.90 18.23
CA TYR A 165 -25.72 -12.14 18.18
C TYR A 165 -24.89 -10.94 17.70
N ARG A 166 -25.51 -9.96 17.06
CA ARG A 166 -24.80 -8.79 16.52
C ARG A 166 -24.56 -7.77 17.64
N LEU A 167 -23.56 -8.05 18.45
CA LEU A 167 -23.19 -7.19 19.56
C LEU A 167 -22.25 -6.07 19.13
N THR A 168 -22.39 -4.90 19.75
CA THR A 168 -21.46 -3.82 19.47
C THR A 168 -20.16 -4.03 20.26
N PRO A 169 -19.09 -3.34 19.86
CA PRO A 169 -17.86 -3.37 20.69
C PRO A 169 -18.10 -3.00 22.14
N LEU A 170 -18.93 -1.99 22.41
CA LEU A 170 -19.23 -1.66 23.82
C LEU A 170 -19.92 -2.83 24.53
N GLU A 171 -20.89 -3.48 23.86
CA GLU A 171 -21.60 -4.60 24.46
C GLU A 171 -20.68 -5.79 24.71
N LEU A 172 -19.73 -6.02 23.81
CA LEU A 172 -18.77 -7.10 24.01
C LEU A 172 -17.89 -6.80 25.22
N LYS A 173 -17.41 -5.57 25.34
CA LYS A 173 -16.63 -5.19 26.52
C LYS A 173 -17.45 -5.40 27.78
N GLN A 174 -18.72 -4.97 27.77
CA GLN A 174 -19.58 -5.17 28.95
C GLN A 174 -19.76 -6.66 29.27
N LYS A 175 -19.96 -7.48 28.24
CA LYS A 175 -20.11 -8.91 28.48
C LYS A 175 -18.84 -9.51 29.07
N CYS A 176 -17.67 -9.10 28.57
CA CYS A 176 -16.41 -9.62 29.10
C CYS A 176 -16.21 -9.19 30.54
N LYS A 177 -16.57 -7.95 30.85
CA LYS A 177 -16.49 -7.47 32.22
C LYS A 177 -17.40 -8.29 33.13
N GLU A 178 -18.60 -8.63 32.65
CA GLU A 178 -19.52 -9.45 33.45
C GLU A 178 -18.96 -10.84 33.69
N MET A 179 -18.10 -11.32 32.79
CA MET A 179 -17.48 -12.62 32.99
C MET A 179 -16.18 -12.51 33.76
N ASN A 180 -15.83 -11.31 34.24
CA ASN A 180 -14.56 -11.08 34.91
C ASN A 180 -13.38 -11.48 34.04
N ALA A 181 -13.50 -11.31 32.73
CA ALA A 181 -12.40 -11.70 31.86
C ALA A 181 -11.16 -10.90 32.20
N ASP A 182 -10.00 -11.55 32.22
CA ASP A 182 -8.76 -10.78 32.23
C ASP A 182 -7.95 -11.01 30.99
N ALA A 183 -8.42 -11.85 30.08
CA ALA A 183 -7.79 -12.01 28.78
C ALA A 183 -8.95 -12.29 27.82
N VAL A 184 -8.98 -11.59 26.70
CA VAL A 184 -9.99 -11.87 25.68
C VAL A 184 -9.24 -12.26 24.40
N PHE A 185 -9.46 -13.48 23.93
CA PHE A 185 -8.79 -13.94 22.72
C PHE A 185 -9.84 -14.21 21.65
N ALA A 186 -9.62 -13.65 20.46
CA ALA A 186 -10.61 -13.62 19.40
C ALA A 186 -10.23 -14.55 18.26
N PHE A 187 -11.24 -15.21 17.67
CA PHE A 187 -11.07 -16.05 16.48
C PHE A 187 -12.07 -15.56 15.43
N GLN A 188 -11.52 -14.99 14.36
CA GLN A 188 -12.27 -14.67 13.14
C GLN A 188 -12.48 -15.92 12.27
N LEU A 189 -13.66 -16.03 11.68
CA LEU A 189 -13.94 -17.17 10.82
C LEU A 189 -15.15 -16.88 9.95
N ARG A 190 -15.28 -17.69 8.90
CA ARG A 190 -16.36 -17.53 7.95
C ARG A 190 -16.84 -18.92 7.53
N ASN A 191 -16.41 -19.97 8.22
CA ASN A 191 -16.70 -21.36 7.86
CA ASN A 191 -16.70 -21.36 7.86
C ASN A 191 -17.22 -22.10 9.07
N PRO A 192 -17.65 -23.35 8.92
CA PRO A 192 -18.01 -24.17 10.11
C PRO A 192 -16.79 -24.42 10.99
N VAL A 193 -17.04 -24.65 12.28
CA VAL A 193 -15.99 -24.98 13.24
C VAL A 193 -15.83 -26.50 13.35
N HIS A 194 -14.68 -27.02 12.96
CA HIS A 194 -14.40 -28.43 13.23
C HIS A 194 -13.43 -28.50 14.41
N ASN A 195 -13.09 -29.73 14.79
CA ASN A 195 -12.38 -29.93 16.04
C ASN A 195 -10.90 -29.60 15.94
N GLY A 196 -10.38 -29.37 14.74
CA GLY A 196 -9.07 -28.79 14.60
C GLY A 196 -9.07 -27.30 14.96
N HIS A 197 -10.07 -26.57 14.47
CA HIS A 197 -10.24 -25.18 14.92
C HIS A 197 -10.38 -25.13 16.43
N ALA A 198 -11.25 -26.01 16.97
CA ALA A 198 -11.45 -26.06 18.41
C ALA A 198 -10.15 -26.36 19.12
N LEU A 199 -9.34 -27.28 18.60
CA LEU A 199 -8.08 -27.59 19.27
C LEU A 199 -7.22 -26.34 19.38
N LEU A 200 -7.12 -25.57 18.31
CA LEU A 200 -6.38 -24.30 18.37
C LEU A 200 -6.91 -23.39 19.47
N MET A 201 -8.24 -23.22 19.52
CA MET A 201 -8.80 -22.30 20.52
C MET A 201 -8.58 -22.83 21.94
N GLN A 202 -8.66 -24.16 22.13
CA GLN A 202 -8.44 -24.77 23.44
C GLN A 202 -6.97 -24.69 23.85
N ASP A 203 -6.06 -24.87 22.89
CA ASP A 203 -4.62 -24.70 23.13
C ASP A 203 -4.30 -23.28 23.55
N THR A 204 -4.95 -22.31 22.91
CA THR A 204 -4.73 -20.92 23.28
C THR A 204 -5.24 -20.66 24.69
N ARG A 205 -6.41 -21.18 25.03
CA ARG A 205 -6.91 -21.01 26.39
C ARG A 205 -5.92 -21.60 27.40
N ARG A 206 -5.43 -22.81 27.14
CA ARG A 206 -4.48 -23.46 28.03
C ARG A 206 -3.20 -22.63 28.19
N ARG A 207 -2.68 -22.10 27.08
CA ARG A 207 -1.47 -21.30 27.16
C ARG A 207 -1.71 -20.04 27.97
N LEU A 208 -2.89 -19.41 27.83
CA LEU A 208 -3.16 -18.19 28.61
C LEU A 208 -3.32 -18.49 30.10
N LEU A 209 -3.95 -19.62 30.43
CA LEU A 209 -4.03 -20.04 31.84
C LEU A 209 -2.65 -20.25 32.42
N GLU A 210 -1.75 -20.89 31.65
CA GLU A 210 -0.40 -21.12 32.18
C GLU A 210 0.40 -19.82 32.34
N ARG A 211 0.07 -18.78 31.58
CA ARG A 211 0.68 -17.46 31.77
C ARG A 211 0.18 -16.76 33.02
N GLY A 212 -0.84 -17.30 33.66
CA GLY A 212 -1.35 -16.69 34.86
C GLY A 212 -2.64 -15.92 34.70
N TYR A 213 -3.26 -15.92 33.50
CA TYR A 213 -4.59 -15.33 33.40
C TYR A 213 -5.61 -16.23 34.10
N LYS A 214 -6.51 -15.62 34.86
CA LYS A 214 -7.46 -16.40 35.66
C LYS A 214 -8.73 -16.73 34.89
N HIS A 215 -9.18 -15.83 34.02
CA HIS A 215 -10.46 -15.97 33.29
C HIS A 215 -10.27 -15.55 31.84
N PRO A 216 -9.58 -16.34 31.05
CA PRO A 216 -9.53 -16.03 29.62
C PRO A 216 -10.88 -16.35 28.98
N VAL A 217 -11.31 -15.48 28.09
CA VAL A 217 -12.61 -15.61 27.43
C VAL A 217 -12.36 -15.66 25.93
N LEU A 218 -12.90 -16.70 25.28
CA LEU A 218 -12.85 -16.84 23.83
C LEU A 218 -13.97 -16.03 23.21
N LEU A 219 -13.61 -15.17 22.28
CA LEU A 219 -14.58 -14.46 21.46
C LEU A 219 -14.63 -15.18 20.11
N LEU A 220 -15.62 -16.04 19.95
CA LEU A 220 -15.80 -16.80 18.71
C LEU A 220 -16.65 -15.89 17.84
N HIS A 221 -16.05 -15.34 16.77
CA HIS A 221 -16.59 -14.13 16.14
C HIS A 221 -16.79 -14.29 14.65
N PRO A 222 -17.75 -15.13 14.22
CA PRO A 222 -18.00 -15.31 12.78
C PRO A 222 -18.39 -14.01 12.09
N LEU A 223 -17.83 -13.82 10.91
CA LEU A 223 -18.18 -12.68 10.09
C LEU A 223 -19.56 -12.89 9.47
N GLY A 224 -20.39 -11.84 9.48
CA GLY A 224 -21.77 -11.95 9.03
C GLY A 224 -22.25 -10.87 8.06
N GLY A 225 -21.38 -9.96 7.64
CA GLY A 225 -21.66 -9.14 6.48
C GLY A 225 -21.60 -9.97 5.20
N TRP A 226 -21.69 -9.27 4.07
CA TRP A 226 -21.62 -9.88 2.75
C TRP A 226 -20.51 -10.91 2.69
N THR A 227 -20.85 -12.12 2.24
CA THR A 227 -19.85 -13.12 1.90
C THR A 227 -20.12 -13.65 0.49
N LYS A 228 -19.13 -14.35 -0.06
CA LYS A 228 -19.26 -14.85 -1.42
C LYS A 228 -20.19 -16.07 -1.49
N ASP A 229 -20.65 -16.38 -2.72
CA ASP A 229 -21.75 -17.32 -2.93
C ASP A 229 -21.47 -18.74 -2.43
N ASP A 230 -20.21 -19.17 -2.38
CA ASP A 230 -19.97 -20.58 -2.02
C ASP A 230 -19.59 -20.80 -0.56
N ASP A 231 -19.60 -19.75 0.25
CA ASP A 231 -19.45 -19.94 1.68
C ASP A 231 -20.78 -20.54 2.24
N VAL A 232 -20.70 -21.30 3.33
CA VAL A 232 -21.93 -21.72 4.04
C VAL A 232 -22.62 -20.48 4.55
N PRO A 233 -23.95 -20.33 4.38
CA PRO A 233 -24.62 -19.11 4.83
C PRO A 233 -24.55 -18.92 6.34
N LEU A 234 -24.64 -17.65 6.73
CA LEU A 234 -24.46 -17.26 8.12
C LEU A 234 -25.45 -17.94 9.07
N ASP A 235 -26.72 -18.03 8.69
CA ASP A 235 -27.63 -18.68 9.64
C ASP A 235 -27.26 -20.14 9.90
N TRP A 236 -26.90 -20.89 8.83
CA TRP A 236 -26.43 -22.26 9.02
C TRP A 236 -25.14 -22.32 9.83
N ARG A 237 -24.20 -21.39 9.59
CA ARG A 237 -22.99 -21.40 10.41
C ARG A 237 -23.31 -21.15 11.89
N MET A 238 -24.24 -20.24 12.18
CA MET A 238 -24.54 -20.00 13.60
C MET A 238 -25.15 -21.23 14.25
N LYS A 239 -26.00 -21.95 13.50
CA LYS A 239 -26.58 -23.20 14.03
C LYS A 239 -25.50 -24.22 14.30
N GLN A 240 -24.53 -24.31 13.38
CA GLN A 240 -23.44 -25.25 13.53
C GLN A 240 -22.57 -24.90 14.74
N HIS A 241 -22.28 -23.59 14.94
CA HIS A 241 -21.45 -23.20 16.07
C HIS A 241 -22.16 -23.47 17.39
N ALA A 242 -23.46 -23.18 17.43
CA ALA A 242 -24.27 -23.50 18.59
C ALA A 242 -24.18 -24.98 18.95
N ALA A 243 -24.19 -25.84 17.93
CA ALA A 243 -24.09 -27.28 18.18
C ALA A 243 -22.73 -27.62 18.79
N VAL A 244 -21.66 -27.00 18.29
CA VAL A 244 -20.32 -27.20 18.87
C VAL A 244 -20.31 -26.83 20.35
N LEU A 245 -20.92 -25.69 20.71
CA LEU A 245 -20.94 -25.30 22.12
C LEU A 245 -21.81 -26.24 22.96
N GLU A 246 -22.94 -26.68 22.40
CA GLU A 246 -23.83 -27.58 23.15
C GLU A 246 -23.18 -28.92 23.43
N GLU A 247 -22.32 -29.39 22.52
CA GLU A 247 -21.52 -30.60 22.69
C GLU A 247 -20.35 -30.41 23.65
N GLY A 248 -20.10 -29.20 24.12
CA GLY A 248 -19.00 -28.92 25.01
C GLY A 248 -17.62 -28.95 24.40
N VAL A 249 -17.51 -29.06 23.07
CA VAL A 249 -16.21 -28.98 22.40
C VAL A 249 -15.53 -27.66 22.70
N LEU A 250 -16.30 -26.58 22.76
CA LEU A 250 -15.88 -25.33 23.38
C LEU A 250 -16.80 -25.11 24.56
N ASP A 251 -16.28 -24.49 25.63
CA ASP A 251 -17.05 -24.34 26.86
C ASP A 251 -17.89 -23.08 26.82
N PRO A 252 -19.22 -23.18 26.84
CA PRO A 252 -20.07 -21.97 26.84
C PRO A 252 -19.79 -21.02 28.00
N LYS A 253 -19.31 -21.53 29.14
CA LYS A 253 -19.12 -20.66 30.30
C LYS A 253 -17.91 -19.73 30.14
N SER A 254 -17.05 -20.00 29.17
CA SER A 254 -15.92 -19.12 28.94
C SER A 254 -15.84 -18.67 27.48
N THR A 255 -16.96 -18.67 26.77
CA THR A 255 -16.98 -18.34 25.34
C THR A 255 -18.10 -17.37 25.10
N ILE A 256 -17.84 -16.35 24.28
CA ILE A 256 -18.87 -15.47 23.78
C ILE A 256 -19.01 -15.76 22.29
N VAL A 257 -20.20 -16.09 21.83
CA VAL A 257 -20.42 -16.23 20.39
C VAL A 257 -21.12 -14.96 19.93
N ALA A 258 -20.54 -14.29 18.94
CA ALA A 258 -21.15 -13.07 18.43
C ALA A 258 -20.84 -12.94 16.94
N ILE A 259 -21.62 -12.14 16.24
CA ILE A 259 -21.44 -11.93 14.81
C ILE A 259 -20.77 -10.58 14.54
N PHE A 260 -19.68 -10.62 13.79
CA PHE A 260 -19.00 -9.40 13.36
C PHE A 260 -19.67 -8.90 12.07
N PRO A 261 -20.20 -7.68 12.03
CA PRO A 261 -21.10 -7.27 10.94
C PRO A 261 -20.45 -6.81 9.64
N SER A 262 -19.15 -6.91 9.51
CA SER A 262 -18.48 -6.36 8.35
C SER A 262 -18.70 -7.22 7.12
N PRO A 263 -18.92 -6.60 5.95
CA PRO A 263 -18.71 -7.30 4.67
C PRO A 263 -17.29 -7.90 4.66
N MET A 264 -17.16 -9.06 3.97
CA MET A 264 -15.84 -9.65 3.71
C MET A 264 -15.32 -9.23 2.34
N LEU A 265 -14.06 -8.77 2.28
CA LEU A 265 -13.44 -8.39 1.00
C LEU A 265 -12.75 -9.57 0.30
N TYR A 266 -12.29 -10.58 1.07
CA TYR A 266 -11.36 -11.61 0.55
C TYR A 266 -10.13 -10.94 -0.04
N ALA A 267 -9.48 -10.08 0.78
CA ALA A 267 -8.29 -9.34 0.37
C ALA A 267 -7.04 -9.77 1.14
N GLY A 268 -7.01 -11.00 1.66
CA GLY A 268 -5.79 -11.60 2.19
C GLY A 268 -5.11 -10.72 3.24
N PRO A 269 -3.78 -10.50 3.09
CA PRO A 269 -3.02 -9.81 4.14
C PRO A 269 -3.46 -8.38 4.40
N THR A 270 -4.12 -7.72 3.43
CA THR A 270 -4.61 -6.37 3.69
C THR A 270 -5.81 -6.43 4.63
N GLU A 271 -6.68 -7.37 4.37
CA GLU A 271 -7.90 -7.53 5.16
C GLU A 271 -7.64 -8.15 6.53
N VAL A 272 -6.65 -9.02 6.69
CA VAL A 272 -6.46 -9.59 8.03
CA VAL A 272 -6.41 -9.60 8.01
C VAL A 272 -6.12 -8.51 9.04
N GLN A 273 -5.46 -7.44 8.62
CA GLN A 273 -5.25 -6.31 9.56
C GLN A 273 -6.58 -5.73 10.04
N TRP A 274 -7.54 -5.58 9.14
CA TRP A 274 -8.88 -5.10 9.50
C TRP A 274 -9.57 -6.06 10.46
N HIS A 275 -9.48 -7.35 10.16
CA HIS A 275 -10.09 -8.33 11.03
C HIS A 275 -9.49 -8.29 12.41
N CYS A 276 -8.19 -8.01 12.49
CA CYS A 276 -7.52 -7.91 13.79
C CYS A 276 -7.86 -6.61 14.52
N ARG A 277 -7.70 -5.45 13.84
CA ARG A 277 -7.93 -4.17 14.50
C ARG A 277 -9.38 -4.03 14.98
N SER A 278 -10.33 -4.64 14.27
CA SER A 278 -11.72 -4.53 14.74
CA SER A 278 -11.74 -4.59 14.70
C SER A 278 -11.95 -5.32 16.02
N ARG A 279 -11.32 -6.50 16.15
CA ARG A 279 -11.47 -7.26 17.39
C ARG A 279 -10.74 -6.54 18.54
N MET A 280 -9.66 -5.85 18.22
CA MET A 280 -8.96 -5.04 19.21
C MET A 280 -9.86 -3.95 19.77
N ILE A 281 -10.64 -3.28 18.90
CA ILE A 281 -11.59 -2.26 19.37
C ILE A 281 -12.58 -2.87 20.34
N ALA A 282 -12.98 -4.11 20.08
CA ALA A 282 -13.94 -4.77 20.96
C ALA A 282 -13.30 -5.31 22.23
N GLY A 283 -12.02 -5.05 22.46
CA GLY A 283 -11.37 -5.46 23.69
C GLY A 283 -10.52 -6.71 23.61
N ALA A 284 -10.34 -7.32 22.44
CA ALA A 284 -9.53 -8.54 22.41
C ALA A 284 -8.06 -8.16 22.55
N ASN A 285 -7.37 -8.77 23.53
CA ASN A 285 -5.93 -8.60 23.68
C ASN A 285 -5.15 -9.63 22.88
N PHE A 286 -5.83 -10.67 22.38
CA PHE A 286 -5.15 -11.76 21.68
C PHE A 286 -5.96 -12.10 20.44
N TYR A 287 -5.26 -12.36 19.34
CA TYR A 287 -5.95 -12.60 18.08
C TYR A 287 -5.36 -13.86 17.42
N ILE A 288 -6.19 -14.87 17.21
CA ILE A 288 -5.72 -16.12 16.61
C ILE A 288 -5.85 -16.01 15.10
N VAL A 289 -4.73 -16.17 14.38
CA VAL A 289 -4.80 -16.14 12.92
C VAL A 289 -5.30 -17.49 12.40
N GLY A 290 -6.12 -17.47 11.31
CA GLY A 290 -6.59 -18.69 10.69
C GLY A 290 -5.69 -19.13 9.54
N ARG A 291 -6.07 -20.25 8.92
CA ARG A 291 -5.34 -20.71 7.75
C ARG A 291 -5.70 -19.86 6.55
N ASP A 292 -4.67 -19.45 5.78
CA ASP A 292 -4.87 -18.67 4.55
C ASP A 292 -5.81 -17.49 4.81
N PRO A 293 -5.48 -16.62 5.76
CA PRO A 293 -6.54 -15.76 6.31
C PRO A 293 -7.03 -14.77 5.28
N ALA A 294 -8.37 -14.63 5.21
CA ALA A 294 -9.03 -13.74 4.27
C ALA A 294 -8.69 -14.07 2.80
N GLY A 295 -8.30 -15.29 2.53
CA GLY A 295 -7.88 -15.68 1.19
C GLY A 295 -8.99 -16.29 0.38
N MET A 296 -8.74 -16.44 -0.91
CA MET A 296 -9.66 -17.23 -1.73
C MET A 296 -8.93 -17.62 -3.01
N PRO A 297 -9.37 -18.67 -3.70
CA PRO A 297 -8.68 -19.08 -4.92
C PRO A 297 -8.93 -18.09 -6.03
N HIS A 298 -7.90 -17.85 -6.82
CA HIS A 298 -8.03 -17.02 -7.99
C HIS A 298 -9.13 -17.62 -8.86
N PRO A 299 -10.13 -16.84 -9.26
CA PRO A 299 -11.15 -17.38 -10.17
C PRO A 299 -10.50 -17.80 -11.47
N GLU A 300 -11.22 -18.67 -12.19
CA GLU A 300 -10.78 -19.37 -13.40
C GLU A 300 -9.62 -20.35 -13.16
N THR A 301 -8.54 -19.94 -12.48
CA THR A 301 -7.42 -20.87 -12.28
C THR A 301 -7.51 -21.72 -11.02
N LYS A 302 -8.25 -21.28 -10.00
CA LYS A 302 -8.40 -21.97 -8.71
C LYS A 302 -7.12 -22.06 -7.89
N LYS A 303 -6.06 -21.32 -8.24
CA LYS A 303 -4.87 -21.21 -7.41
C LYS A 303 -5.02 -20.06 -6.39
N ASP A 304 -4.37 -20.23 -5.23
CA ASP A 304 -4.46 -19.25 -4.14
C ASP A 304 -4.10 -17.85 -4.62
N LEU A 305 -5.01 -16.90 -4.35
CA LEU A 305 -4.76 -15.51 -4.69
C LEU A 305 -3.56 -14.94 -3.93
N TYR A 306 -3.41 -15.32 -2.66
CA TYR A 306 -2.37 -14.78 -1.79
C TYR A 306 -1.45 -15.89 -1.34
N GLU A 307 -0.23 -15.51 -1.03
CA GLU A 307 0.72 -16.44 -0.46
C GLU A 307 0.29 -16.77 0.97
N PRO A 308 0.19 -18.04 1.34
CA PRO A 308 -0.56 -18.39 2.58
C PRO A 308 0.14 -18.01 3.87
N THR A 309 1.44 -17.70 3.84
CA THR A 309 2.12 -17.17 5.02
C THR A 309 2.05 -15.65 5.17
N HIS A 310 1.59 -14.91 4.14
CA HIS A 310 1.71 -13.45 4.15
C HIS A 310 0.78 -12.80 5.16
N GLY A 311 -0.44 -13.33 5.34
CA GLY A 311 -1.31 -12.74 6.36
C GLY A 311 -0.64 -12.65 7.72
N GLY A 312 -0.10 -13.78 8.21
CA GLY A 312 0.55 -13.75 9.51
C GLY A 312 1.80 -12.87 9.53
N LYS A 313 2.58 -12.90 8.45
CA LYS A 313 3.81 -12.10 8.42
C LYS A 313 3.51 -10.60 8.42
N VAL A 314 2.52 -10.19 7.60
CA VAL A 314 2.12 -8.79 7.51
C VAL A 314 1.47 -8.34 8.80
N LEU A 315 0.61 -9.17 9.38
CA LEU A 315 0.02 -8.80 10.67
C LEU A 315 1.10 -8.57 11.72
N SER A 316 2.14 -9.41 11.73
CA SER A 316 3.21 -9.23 12.69
CA SER A 316 3.25 -9.25 12.67
C SER A 316 4.03 -7.95 12.45
N MET A 317 4.00 -7.42 11.23
CA MET A 317 4.74 -6.17 10.95
C MET A 317 3.89 -4.91 10.98
N ALA A 318 2.61 -5.01 11.20
CA ALA A 318 1.71 -3.90 10.91
C ALA A 318 1.79 -2.83 12.00
N PRO A 319 1.73 -1.56 11.61
CA PRO A 319 1.68 -0.47 12.59
C PRO A 319 0.31 -0.36 13.24
N GLY A 320 0.29 0.22 14.44
CA GLY A 320 -0.95 0.53 15.11
C GLY A 320 -1.68 -0.63 15.76
N LEU A 321 -1.03 -1.75 15.96
CA LEU A 321 -1.67 -2.89 16.62
C LEU A 321 -0.95 -3.22 17.93
N THR A 322 -0.45 -2.19 18.62
CA THR A 322 0.48 -2.46 19.71
C THR A 322 -0.19 -3.19 20.86
N SER A 323 -1.50 -3.07 21.01
CA SER A 323 -2.17 -3.63 22.18
C SER A 323 -2.69 -5.03 21.98
N VAL A 324 -2.41 -5.69 20.86
CA VAL A 324 -2.89 -7.04 20.65
CA VAL A 324 -2.89 -7.04 20.60
C VAL A 324 -1.70 -7.95 20.35
N GLU A 325 -1.73 -9.13 20.94
CA GLU A 325 -0.75 -10.16 20.65
C GLU A 325 -1.33 -11.11 19.62
N ILE A 326 -0.56 -11.35 18.56
CA ILE A 326 -0.95 -12.29 17.51
C ILE A 326 -0.61 -13.72 17.93
N ILE A 327 -1.62 -14.58 18.00
CA ILE A 327 -1.44 -16.01 18.27
C ILE A 327 -1.31 -16.72 16.92
N PRO A 328 -0.15 -17.27 16.58
CA PRO A 328 0.06 -17.92 15.28
C PRO A 328 -0.92 -19.06 14.99
N PHE A 329 -1.25 -19.21 13.71
CA PHE A 329 -2.05 -20.35 13.28
C PHE A 329 -1.21 -21.63 13.44
N ARG A 330 -1.86 -22.71 13.88
CA ARG A 330 -1.21 -24.02 13.98
C ARG A 330 -2.06 -25.05 13.25
N VAL A 331 -1.45 -25.70 12.25
CA VAL A 331 -2.15 -26.73 11.49
C VAL A 331 -2.55 -27.87 12.42
N ALA A 332 -3.83 -28.24 12.40
CA ALA A 332 -4.29 -29.47 13.02
C ALA A 332 -4.84 -30.39 11.94
N ALA A 333 -4.95 -31.67 12.28
CA ALA A 333 -5.42 -32.68 11.34
C ALA A 333 -5.86 -33.90 12.11
N TYR A 334 -6.61 -34.76 11.44
CA TYR A 334 -7.12 -35.96 12.09
C TYR A 334 -5.99 -36.99 12.19
N ASN A 335 -5.65 -37.35 13.44
CA ASN A 335 -4.65 -38.36 13.75
C ASN A 335 -5.32 -39.73 13.78
N LYS A 336 -4.94 -40.58 12.82
CA LYS A 336 -5.48 -41.93 12.70
C LYS A 336 -5.07 -42.80 13.88
N ALA A 337 -3.91 -42.53 14.47
CA ALA A 337 -3.45 -43.31 15.61
C ALA A 337 -4.25 -42.97 16.87
N LYS A 338 -4.29 -41.68 17.22
CA LYS A 338 -5.05 -41.24 18.38
C LYS A 338 -6.55 -41.14 18.12
N LYS A 339 -6.98 -41.36 16.87
CA LYS A 339 -8.38 -41.22 16.47
C LYS A 339 -8.94 -39.87 16.90
N ALA A 340 -8.14 -38.81 16.71
CA ALA A 340 -8.57 -37.52 17.24
C ALA A 340 -7.80 -36.42 16.52
N MET A 341 -8.34 -35.21 16.56
CA MET A 341 -7.62 -34.07 16.00
C MET A 341 -6.36 -33.83 16.81
N ASP A 342 -5.31 -33.35 16.13
CA ASP A 342 -4.03 -33.14 16.78
C ASP A 342 -3.24 -32.18 15.92
N PHE A 343 -2.29 -31.49 16.54
CA PHE A 343 -1.42 -30.61 15.78
C PHE A 343 -0.55 -31.43 14.82
N TYR A 344 -0.42 -30.97 13.59
CA TYR A 344 0.31 -31.68 12.57
C TYR A 344 1.80 -31.54 12.78
N ASP A 345 2.53 -32.63 12.57
CA ASP A 345 4.00 -32.66 12.60
C ASP A 345 4.47 -33.35 11.32
N PRO A 346 5.17 -32.65 10.43
CA PRO A 346 5.69 -33.33 9.22
C PRO A 346 6.56 -34.55 9.56
N ALA A 347 7.22 -34.55 10.71
CA ALA A 347 7.97 -35.70 11.19
C ALA A 347 7.08 -36.89 11.51
N ARG A 348 5.77 -36.76 11.37
CA ARG A 348 4.85 -37.87 11.54
C ARG A 348 3.76 -37.86 10.47
N HIS A 349 4.07 -37.29 9.30
CA HIS A 349 3.11 -36.97 8.25
C HIS A 349 2.07 -38.08 8.00
N ASN A 350 2.49 -39.33 8.03
CA ASN A 350 1.62 -40.41 7.57
C ASN A 350 0.47 -40.73 8.51
N GLU A 351 0.48 -40.20 9.75
CA GLU A 351 -0.60 -40.47 10.68
C GLU A 351 -1.84 -39.62 10.43
N PHE A 352 -1.73 -38.56 9.63
CA PHE A 352 -2.72 -37.50 9.59
C PHE A 352 -3.53 -37.55 8.30
N ASP A 353 -4.83 -37.36 8.44
CA ASP A 353 -5.76 -37.27 7.32
C ASP A 353 -6.41 -35.90 7.35
N PHE A 354 -6.28 -35.16 6.24
CA PHE A 354 -6.84 -33.83 6.12
C PHE A 354 -8.25 -33.89 5.54
N ILE A 355 -9.09 -32.96 5.99
CA ILE A 355 -10.50 -32.92 5.61
C ILE A 355 -10.88 -31.48 5.31
N SER A 356 -10.99 -31.16 4.03
CA SER A 356 -11.33 -29.81 3.62
C SER A 356 -12.83 -29.63 3.54
N GLY A 357 -13.26 -28.43 3.16
CA GLY A 357 -14.69 -28.16 3.03
C GLY A 357 -15.31 -28.88 1.85
N THR A 358 -14.56 -29.00 0.74
CA THR A 358 -15.02 -29.81 -0.38
C THR A 358 -15.16 -31.27 0.04
N ARG A 359 -14.20 -31.76 0.81
CA ARG A 359 -14.29 -33.13 1.30
C ARG A 359 -15.56 -33.32 2.12
N MET A 360 -15.87 -32.38 3.02
CA MET A 360 -17.09 -32.48 3.82
C MET A 360 -18.35 -32.51 2.95
N ARG A 361 -18.40 -31.64 1.93
CA ARG A 361 -19.59 -31.64 1.08
C ARG A 361 -19.70 -32.94 0.32
N LYS A 362 -18.58 -33.49 -0.11
CA LYS A 362 -18.64 -34.76 -0.83
C LYS A 362 -19.02 -35.89 0.09
N LEU A 363 -18.61 -35.80 1.36
CA LEU A 363 -18.96 -36.82 2.33
C LEU A 363 -20.47 -36.83 2.57
N ALA A 364 -21.04 -35.64 2.82
CA ALA A 364 -22.49 -35.52 2.96
C ALA A 364 -23.19 -36.01 1.70
N ARG A 365 -22.63 -35.70 0.52
CA ARG A 365 -23.29 -36.05 -0.73
C ARG A 365 -23.46 -37.56 -0.88
N GLU A 366 -22.47 -38.34 -0.43
CA GLU A 366 -22.59 -39.79 -0.45
C GLU A 366 -23.23 -40.34 0.81
N GLY A 367 -23.71 -39.45 1.69
CA GLY A 367 -24.29 -39.89 2.95
C GLY A 367 -23.27 -40.47 3.91
N GLU A 368 -22.04 -39.96 3.86
CA GLU A 368 -20.93 -40.42 4.67
C GLU A 368 -20.72 -39.49 5.86
N ASN A 369 -20.11 -40.03 6.89
CA ASN A 369 -19.70 -39.28 8.05
C ASN A 369 -18.21 -39.04 8.00
N PRO A 370 -17.72 -37.97 8.60
CA PRO A 370 -16.30 -37.81 8.71
C PRO A 370 -15.77 -38.74 9.79
N PRO A 371 -14.45 -38.90 9.88
CA PRO A 371 -13.87 -39.72 10.96
C PRO A 371 -14.35 -39.29 12.33
N ASP A 372 -14.51 -40.25 13.23
CA ASP A 372 -14.99 -39.95 14.58
C ASP A 372 -13.98 -39.07 15.32
N GLY A 373 -14.44 -37.90 15.79
CA GLY A 373 -13.57 -36.93 16.42
C GLY A 373 -13.19 -35.74 15.56
N PHE A 374 -13.58 -35.73 14.28
CA PHE A 374 -13.32 -34.58 13.42
C PHE A 374 -14.27 -33.42 13.72
N MET A 375 -15.54 -33.75 13.95
CA MET A 375 -16.55 -32.72 14.25
C MET A 375 -17.54 -33.28 15.25
N ALA A 376 -17.94 -32.45 16.22
CA ALA A 376 -18.99 -32.83 17.15
C ALA A 376 -20.20 -33.36 16.37
N PRO A 377 -20.78 -34.49 16.80
CA PRO A 377 -21.86 -35.11 16.00
C PRO A 377 -23.09 -34.24 15.72
N LYS A 378 -23.58 -33.48 16.70
CA LYS A 378 -24.73 -32.62 16.41
C LYS A 378 -24.36 -31.49 15.45
N ALA A 379 -23.09 -31.07 15.46
CA ALA A 379 -22.64 -30.03 14.53
C ALA A 379 -22.55 -30.59 13.11
N TRP A 380 -22.03 -31.81 12.96
CA TRP A 380 -22.07 -32.45 11.66
C TRP A 380 -23.50 -32.56 11.16
N LYS A 381 -24.45 -32.88 12.05
CA LYS A 381 -25.82 -33.03 11.60
C LYS A 381 -26.38 -31.70 11.07
N VAL A 382 -26.02 -30.59 11.70
CA VAL A 382 -26.39 -29.29 11.12
C VAL A 382 -25.87 -29.17 9.69
N LEU A 383 -24.61 -29.55 9.47
CA LEU A 383 -24.07 -29.42 8.12
C LEU A 383 -24.76 -30.35 7.11
N THR A 384 -25.05 -31.59 7.50
CA THR A 384 -25.74 -32.46 6.54
C THR A 384 -27.13 -31.92 6.24
N ASP A 385 -27.79 -31.27 7.21
CA ASP A 385 -29.08 -30.62 6.91
C ASP A 385 -28.90 -29.48 5.94
N TYR A 386 -27.82 -28.71 6.08
CA TYR A 386 -27.55 -27.63 5.12
C TYR A 386 -27.38 -28.18 3.70
N TYR A 387 -26.50 -29.16 3.56
CA TYR A 387 -26.25 -29.69 2.22
C TYR A 387 -27.52 -30.29 1.64
N ARG A 388 -28.32 -30.94 2.48
CA ARG A 388 -29.60 -31.48 2.04
C ARG A 388 -30.55 -30.39 1.59
N SER A 389 -30.57 -29.24 2.29
CA SER A 389 -31.42 -28.13 1.89
C SER A 389 -31.03 -27.61 0.52
N LEU A 390 -29.79 -27.84 0.07
CA LEU A 390 -29.49 -27.46 -1.30
C LEU A 390 -30.08 -28.41 -2.35
N GLU A 391 -30.75 -29.48 -1.91
CA GLU A 391 -31.33 -30.53 -2.77
C GLU A 391 -30.30 -31.12 -3.73
N SER B 1 21.92 13.19 9.28
CA SER B 1 21.72 11.75 9.38
C SER B 1 22.86 10.99 8.70
N ASP B 2 23.14 9.79 9.21
CA ASP B 2 24.19 8.99 8.61
C ASP B 2 23.73 8.40 7.28
N ILE B 3 24.69 8.23 6.40
CA ILE B 3 24.49 7.57 5.11
C ILE B 3 25.17 6.22 5.20
N HIS B 4 24.41 5.19 4.90
CA HIS B 4 25.04 3.85 4.88
CA HIS B 4 25.05 3.85 4.88
C HIS B 4 25.47 3.33 3.46
N GLU B 5 26.72 3.71 3.09
CA GLU B 5 27.24 3.22 1.83
C GLU B 5 27.56 1.73 1.98
N LEU B 6 27.61 1.03 0.83
CA LEU B 6 27.85 -0.41 0.84
C LEU B 6 29.19 -0.81 0.20
N PHE B 7 30.13 0.12 0.06
CA PHE B 7 31.40 -0.15 -0.62
C PHE B 7 32.42 -0.87 0.26
N VAL B 8 33.19 -1.74 -0.38
CA VAL B 8 34.42 -2.29 0.21
C VAL B 8 35.39 -1.16 0.54
N PRO B 9 36.02 -1.17 1.71
CA PRO B 9 37.07 -0.16 2.02
C PRO B 9 38.15 -0.08 0.94
N GLU B 10 38.64 1.14 0.72
CA GLU B 10 39.72 1.39 -0.23
C GLU B 10 40.87 0.38 -0.04
N ASN B 11 41.42 0.34 1.18
CA ASN B 11 42.62 -0.45 1.46
C ASN B 11 42.42 -1.94 1.23
N LYS B 12 41.16 -2.42 1.20
CA LYS B 12 40.87 -3.84 1.03
C LYS B 12 40.50 -4.21 -0.39
N LEU B 13 40.19 -3.23 -1.25
CA LEU B 13 39.61 -3.53 -2.57
C LEU B 13 40.45 -4.54 -3.35
N ASP B 14 41.73 -4.20 -3.58
CA ASP B 14 42.58 -5.08 -4.40
C ASP B 14 42.60 -6.51 -3.87
N HIS B 15 42.54 -6.68 -2.54
CA HIS B 15 42.48 -8.02 -1.97
C HIS B 15 41.14 -8.67 -2.28
N VAL B 16 40.05 -7.99 -1.92
CA VAL B 16 38.73 -8.61 -2.06
C VAL B 16 38.45 -8.92 -3.53
N ARG B 17 38.81 -7.99 -4.42
CA ARG B 17 38.59 -8.25 -5.84
C ARG B 17 39.27 -9.55 -6.22
N ALA B 18 40.53 -9.70 -5.79
CA ALA B 18 41.30 -10.88 -6.17
C ALA B 18 40.63 -12.14 -5.66
N GLU B 19 40.03 -12.09 -4.45
CA GLU B 19 39.37 -13.28 -3.94
C GLU B 19 38.05 -13.55 -4.67
N ALA B 20 37.30 -12.50 -5.00
CA ALA B 20 35.95 -12.73 -5.50
C ALA B 20 35.94 -13.48 -6.83
N GLU B 21 37.09 -13.54 -7.51
CA GLU B 21 37.20 -14.32 -8.73
C GLU B 21 36.89 -15.81 -8.53
N THR B 22 37.00 -16.32 -7.29
CA THR B 22 36.76 -17.73 -7.03
C THR B 22 35.34 -18.06 -6.58
N LEU B 23 34.49 -17.03 -6.33
CA LEU B 23 33.16 -17.31 -5.82
C LEU B 23 32.20 -17.70 -6.94
N PRO B 24 31.15 -18.45 -6.62
CA PRO B 24 30.07 -18.63 -7.59
C PRO B 24 29.48 -17.27 -7.95
N SER B 25 28.96 -17.16 -9.16
CA SER B 25 28.55 -15.87 -9.70
C SER B 25 27.13 -15.93 -10.21
N LEU B 26 26.46 -14.78 -10.15
CA LEU B 26 25.10 -14.59 -10.65
C LEU B 26 25.12 -13.41 -11.60
N SER B 27 24.71 -13.64 -12.84
CA SER B 27 24.66 -12.62 -13.87
C SER B 27 23.43 -11.73 -13.65
N ILE B 28 23.62 -10.40 -13.64
CA ILE B 28 22.50 -9.48 -13.45
C ILE B 28 22.38 -8.58 -14.68
N THR B 29 21.19 -7.99 -14.86
CA THR B 29 20.94 -7.11 -16.00
C THR B 29 21.45 -5.69 -15.74
N LYS B 30 21.37 -4.86 -16.79
CA LYS B 30 21.75 -3.44 -16.67
C LYS B 30 20.88 -2.74 -15.65
N LEU B 31 19.56 -2.98 -15.72
CA LEU B 31 18.63 -2.41 -14.74
C LEU B 31 19.02 -2.80 -13.31
N ASP B 32 19.27 -4.10 -13.08
CA ASP B 32 19.77 -4.58 -11.78
C ASP B 32 21.02 -3.83 -11.35
N LEU B 33 21.94 -3.59 -12.29
CA LEU B 33 23.18 -2.91 -11.96
C LEU B 33 22.92 -1.44 -11.59
N GLN B 34 21.96 -0.79 -12.25
CA GLN B 34 21.58 0.54 -11.80
C GLN B 34 21.03 0.49 -10.38
N TRP B 35 20.29 -0.58 -10.02
CA TRP B 35 19.88 -0.68 -8.60
C TRP B 35 21.06 -0.95 -7.67
N VAL B 36 22.04 -1.75 -8.09
CA VAL B 36 23.26 -1.87 -7.29
C VAL B 36 23.89 -0.52 -7.07
N GLN B 37 23.94 0.32 -8.10
CA GLN B 37 24.51 1.65 -7.90
C GLN B 37 23.72 2.42 -6.84
N VAL B 38 22.37 2.42 -6.97
CA VAL B 38 21.52 3.08 -5.99
C VAL B 38 21.84 2.58 -4.57
N LEU B 39 21.87 1.28 -4.37
CA LEU B 39 22.13 0.69 -3.06
C LEU B 39 23.54 1.04 -2.56
N SER B 40 24.53 0.98 -3.46
CA SER B 40 25.91 1.11 -3.02
C SER B 40 26.17 2.49 -2.44
N GLU B 41 25.51 3.53 -2.97
CA GLU B 41 25.83 4.90 -2.62
C GLU B 41 25.07 5.38 -1.40
N GLY B 42 24.18 4.54 -0.87
CA GLY B 42 23.41 4.90 0.31
C GLY B 42 22.12 5.66 0.08
N TRP B 43 21.65 5.73 -1.17
CA TRP B 43 20.37 6.39 -1.43
C TRP B 43 19.22 5.73 -0.69
N ALA B 44 19.29 4.42 -0.46
CA ALA B 44 18.25 3.68 0.25
C ALA B 44 18.63 3.39 1.70
N THR B 45 19.48 4.24 2.29
CA THR B 45 19.88 4.11 3.69
C THR B 45 18.65 3.90 4.57
N PRO B 46 18.65 2.92 5.48
CA PRO B 46 19.75 2.05 5.90
C PRO B 46 19.65 0.65 5.38
N LEU B 47 19.07 0.46 4.18
CA LEU B 47 19.05 -0.86 3.56
C LEU B 47 20.44 -1.45 3.47
N LYS B 48 20.57 -2.76 3.77
CA LYS B 48 21.86 -3.43 3.76
C LYS B 48 22.15 -4.11 2.42
N GLY B 49 21.18 -4.13 1.51
CA GLY B 49 21.33 -4.84 0.27
C GLY B 49 19.99 -4.93 -0.42
N PHE B 50 19.88 -5.87 -1.36
CA PHE B 50 18.60 -6.16 -1.98
C PHE B 50 17.66 -6.67 -0.92
N MET B 51 16.41 -6.26 -1.00
CA MET B 51 15.48 -6.45 0.11
C MET B 51 15.21 -7.93 0.40
N ARG B 52 15.28 -8.27 1.67
CA ARG B 52 14.80 -9.58 2.10
C ARG B 52 13.26 -9.60 2.12
N GLU B 53 12.70 -10.80 2.31
CA GLU B 53 11.26 -10.97 2.16
C GLU B 53 10.48 -10.05 3.10
N LYS B 54 10.88 -9.97 4.37
CA LYS B 54 10.10 -9.17 5.33
C LYS B 54 10.22 -7.69 5.06
N GLU B 55 11.38 -7.26 4.55
CA GLU B 55 11.53 -5.88 4.14
C GLU B 55 10.63 -5.57 2.96
N TYR B 56 10.62 -6.48 1.97
CA TYR B 56 9.79 -6.30 0.77
C TYR B 56 8.33 -6.17 1.16
N LEU B 57 7.86 -7.06 2.04
CA LEU B 57 6.45 -7.01 2.45
C LEU B 57 6.13 -5.69 3.13
N GLN B 58 7.02 -5.21 4.03
CA GLN B 58 6.73 -3.96 4.72
CA GLN B 58 6.69 -3.98 4.72
C GLN B 58 6.65 -2.79 3.76
N VAL B 59 7.55 -2.79 2.77
CA VAL B 59 7.52 -1.74 1.75
C VAL B 59 6.22 -1.77 0.97
N MET B 60 5.82 -2.95 0.49
CA MET B 60 4.64 -3.02 -0.36
C MET B 60 3.36 -2.68 0.39
N HIS B 61 3.25 -3.08 1.66
CA HIS B 61 2.01 -2.83 2.41
C HIS B 61 1.99 -1.50 3.16
N PHE B 62 3.13 -0.98 3.58
CA PHE B 62 3.14 0.17 4.48
C PHE B 62 3.99 1.35 4.01
N ASP B 63 4.78 1.19 2.94
CA ASP B 63 5.69 2.22 2.43
C ASP B 63 6.72 2.66 3.49
N THR B 64 7.15 1.76 4.40
CA THR B 64 8.14 2.03 5.43
C THR B 64 9.09 0.85 5.55
N LEU B 65 10.33 1.14 5.96
CA LEU B 65 11.36 0.10 6.07
C LEU B 65 11.38 -0.58 7.35
N LEU B 66 11.81 -1.87 7.39
CA LEU B 66 11.92 -2.70 8.60
C LEU B 66 12.88 -1.96 9.43
N ASP B 67 12.42 -1.69 10.63
CA ASP B 67 12.98 -0.70 11.44
C ASP B 67 12.97 -0.82 12.91
N ASP B 68 13.70 0.06 13.58
CA ASP B 68 13.55 0.26 15.02
C ASP B 68 12.73 1.58 15.11
N GLY B 69 13.06 2.55 14.27
CA GLY B 69 12.26 3.74 14.03
C GLY B 69 11.46 3.59 12.75
N VAL B 70 10.86 4.70 12.33
CA VAL B 70 10.05 4.74 11.11
C VAL B 70 10.87 5.41 10.01
N ILE B 71 11.02 4.72 8.88
CA ILE B 71 11.84 5.18 7.77
C ILE B 71 11.01 5.04 6.51
N ASN B 72 10.88 6.11 5.72
CA ASN B 72 10.09 6.03 4.49
C ASN B 72 10.82 5.18 3.45
N MET B 73 10.11 4.23 2.85
CA MET B 73 10.72 3.44 1.77
C MET B 73 9.54 2.83 1.01
N SER B 74 9.21 3.42 -0.14
CA SER B 74 7.96 3.10 -0.79
C SER B 74 8.08 2.21 -2.03
N ILE B 75 9.29 1.93 -2.50
CA ILE B 75 9.41 1.10 -3.69
C ILE B 75 10.29 -0.11 -3.34
N PRO B 76 9.98 -1.28 -3.89
CA PRO B 76 10.86 -2.45 -3.72
C PRO B 76 12.19 -2.21 -4.45
N ILE B 77 13.30 -2.55 -3.81
CA ILE B 77 14.58 -2.68 -4.50
C ILE B 77 14.97 -4.14 -4.35
N VAL B 78 14.73 -4.91 -5.42
CA VAL B 78 14.77 -6.36 -5.34
C VAL B 78 15.53 -6.88 -6.55
N LEU B 79 16.07 -8.08 -6.42
CA LEU B 79 16.84 -8.71 -7.50
C LEU B 79 16.14 -9.98 -7.98
N PRO B 80 15.51 -9.95 -9.15
CA PRO B 80 14.85 -11.14 -9.69
C PRO B 80 15.87 -12.13 -10.20
N VAL B 81 15.55 -13.41 -10.05
CA VAL B 81 16.42 -14.53 -10.37
CA VAL B 81 16.42 -14.48 -10.48
C VAL B 81 15.57 -15.62 -11.01
N SER B 82 16.17 -16.39 -11.93
CA SER B 82 15.45 -17.52 -12.51
C SER B 82 15.41 -18.69 -11.52
N ALA B 83 14.46 -19.60 -11.75
CA ALA B 83 14.37 -20.79 -10.90
C ALA B 83 15.66 -21.61 -11.00
N GLU B 84 16.26 -21.67 -12.18
CA GLU B 84 17.52 -22.39 -12.35
C GLU B 84 18.62 -21.79 -11.49
N ASP B 85 18.73 -20.45 -11.50
CA ASP B 85 19.76 -19.82 -10.67
C ASP B 85 19.45 -19.96 -9.18
N LYS B 86 18.17 -19.87 -8.79
CA LYS B 86 17.81 -20.12 -7.39
C LYS B 86 18.23 -21.53 -6.95
N THR B 87 17.93 -22.53 -7.77
CA THR B 87 18.32 -23.90 -7.47
C THR B 87 19.83 -24.01 -7.32
N ARG B 88 20.58 -23.33 -8.20
CA ARG B 88 22.03 -23.38 -8.14
C ARG B 88 22.59 -22.71 -6.88
N LEU B 89 22.03 -21.56 -6.46
CA LEU B 89 22.68 -20.75 -5.45
C LEU B 89 22.08 -20.82 -4.04
N GLU B 90 20.89 -21.37 -3.87
CA GLU B 90 20.29 -21.36 -2.54
C GLU B 90 21.17 -22.16 -1.58
N GLY B 91 21.36 -21.66 -0.38
CA GLY B 91 22.32 -22.24 0.52
C GLY B 91 23.76 -21.80 0.32
N CYS B 92 24.08 -21.14 -0.80
CA CYS B 92 25.39 -20.47 -0.93
C CYS B 92 25.32 -19.16 -0.16
N SER B 93 26.14 -19.04 0.90
CA SER B 93 26.11 -17.90 1.80
C SER B 93 26.99 -16.73 1.34
N LYS B 94 27.68 -16.85 0.22
CA LYS B 94 28.50 -15.74 -0.28
C LYS B 94 28.71 -15.94 -1.77
N PHE B 95 28.05 -15.13 -2.61
CA PHE B 95 28.33 -15.24 -4.05
C PHE B 95 28.43 -13.86 -4.67
N VAL B 96 28.91 -13.80 -5.92
CA VAL B 96 29.16 -12.51 -6.56
C VAL B 96 28.05 -12.22 -7.56
N LEU B 97 27.80 -10.93 -7.76
CA LEU B 97 26.97 -10.44 -8.85
C LEU B 97 27.90 -9.90 -9.93
N ALA B 98 27.59 -10.24 -11.18
CA ALA B 98 28.43 -9.89 -12.31
C ALA B 98 27.59 -9.31 -13.44
N HIS B 99 28.18 -8.39 -14.17
CA HIS B 99 27.49 -7.84 -15.33
C HIS B 99 28.56 -7.46 -16.33
N GLY B 100 28.34 -7.80 -17.60
CA GLY B 100 29.26 -7.42 -18.66
C GLY B 100 30.69 -7.88 -18.45
N GLY B 101 30.88 -9.03 -17.81
CA GLY B 101 32.21 -9.59 -17.57
C GLY B 101 32.93 -9.10 -16.33
N ARG B 102 32.30 -8.26 -15.54
CA ARG B 102 32.90 -7.66 -14.37
C ARG B 102 32.16 -8.16 -13.14
N ARG B 103 32.91 -8.58 -12.11
CA ARG B 103 32.33 -8.90 -10.82
C ARG B 103 32.18 -7.60 -10.04
N VAL B 104 30.95 -7.22 -9.73
CA VAL B 104 30.72 -5.89 -9.19
C VAL B 104 30.36 -5.88 -7.71
N ALA B 105 29.90 -7.01 -7.14
CA ALA B 105 29.48 -6.97 -5.75
C ALA B 105 29.44 -8.41 -5.24
N ILE B 106 29.39 -8.56 -3.92
CA ILE B 106 29.19 -9.82 -3.21
C ILE B 106 27.89 -9.74 -2.42
N LEU B 107 27.03 -10.73 -2.59
CA LEU B 107 25.78 -10.89 -1.85
C LEU B 107 25.97 -11.98 -0.79
N ARG B 108 25.84 -11.59 0.48
CA ARG B 108 26.09 -12.47 1.62
C ARG B 108 24.77 -12.82 2.30
N ASP B 109 24.74 -14.04 2.84
CA ASP B 109 23.59 -14.58 3.58
C ASP B 109 22.28 -14.42 2.80
N ALA B 110 22.32 -14.77 1.52
CA ALA B 110 21.18 -14.55 0.63
C ALA B 110 19.99 -15.41 1.02
N GLU B 111 18.79 -14.89 0.81
CA GLU B 111 17.56 -15.66 0.94
C GLU B 111 16.74 -15.49 -0.33
N PHE B 112 16.10 -16.57 -0.78
CA PHE B 112 15.30 -16.57 -2.00
C PHE B 112 13.84 -16.72 -1.64
N TYR B 113 13.00 -15.93 -2.29
CA TYR B 113 11.57 -16.00 -2.00
C TYR B 113 10.80 -15.70 -3.28
N GLU B 114 9.51 -16.04 -3.27
CA GLU B 114 8.75 -16.04 -4.51
C GLU B 114 8.57 -14.62 -5.03
N HIS B 115 8.71 -14.46 -6.35
CA HIS B 115 8.42 -13.20 -7.05
C HIS B 115 6.98 -13.25 -7.49
N ARG B 116 6.09 -12.70 -6.68
CA ARG B 116 4.69 -12.70 -7.06
C ARG B 116 4.48 -11.44 -7.88
N LYS B 117 4.60 -11.57 -9.20
CA LYS B 117 4.75 -10.40 -10.05
C LYS B 117 3.47 -9.60 -10.16
N GLU B 118 2.33 -10.27 -10.34
CA GLU B 118 1.08 -9.54 -10.49
C GLU B 118 0.79 -8.73 -9.24
N GLU B 119 1.04 -9.31 -8.05
CA GLU B 119 0.78 -8.57 -6.80
C GLU B 119 1.73 -7.40 -6.63
N ARG B 120 3.02 -7.61 -6.95
CA ARG B 120 3.97 -6.50 -6.89
C ARG B 120 3.54 -5.35 -7.77
N CYS B 121 3.22 -5.64 -9.04
CA CYS B 121 2.85 -4.57 -9.94
C CYS B 121 1.57 -3.89 -9.50
N SER B 122 0.57 -4.66 -9.05
CA SER B 122 -0.69 -4.06 -8.58
C SER B 122 -0.47 -3.14 -7.38
N ARG B 123 0.32 -3.58 -6.40
CA ARG B 123 0.45 -2.78 -5.19
C ARG B 123 1.38 -1.60 -5.39
N VAL B 124 2.40 -1.72 -6.24
CA VAL B 124 3.33 -0.60 -6.37
C VAL B 124 2.83 0.41 -7.36
N TRP B 125 2.33 -0.03 -8.53
CA TRP B 125 1.86 0.88 -9.57
C TRP B 125 0.37 1.20 -9.49
N GLY B 126 -0.41 0.46 -8.71
CA GLY B 126 -1.84 0.67 -8.78
C GLY B 126 -2.50 0.32 -10.10
N THR B 127 -1.88 -0.55 -10.87
CA THR B 127 -2.36 -1.12 -12.10
C THR B 127 -1.48 -2.33 -12.47
N THR B 128 -1.93 -3.23 -13.31
CA THR B 128 -1.01 -4.28 -13.78
C THR B 128 -0.89 -4.20 -15.30
N CYS B 129 -1.21 -3.04 -15.83
CA CYS B 129 -1.28 -2.81 -17.23
C CYS B 129 -0.01 -3.19 -17.80
N THR B 130 -0.16 -4.21 -18.60
CA THR B 130 0.95 -4.87 -19.18
C THR B 130 1.80 -4.06 -20.02
N LYS B 131 1.24 -3.13 -20.76
CA LYS B 131 1.94 -2.25 -21.60
C LYS B 131 2.78 -1.15 -20.91
N HIS B 132 2.53 -0.87 -19.66
CA HIS B 132 3.42 0.07 -18.96
C HIS B 132 4.86 -0.42 -19.10
N PRO B 133 5.79 0.42 -19.56
CA PRO B 133 7.11 -0.08 -19.92
C PRO B 133 7.92 -0.59 -18.75
N HIS B 134 7.73 -0.10 -17.52
CA HIS B 134 8.52 -0.71 -16.44
C HIS B 134 7.83 -1.95 -15.92
N ILE B 135 6.48 -1.92 -15.88
CA ILE B 135 5.75 -3.14 -15.54
C ILE B 135 6.13 -4.28 -16.47
N LYS B 136 6.28 -4.00 -17.77
CA LYS B 136 6.67 -5.10 -18.68
C LYS B 136 8.01 -5.69 -18.28
N MET B 137 8.96 -4.88 -17.84
CA MET B 137 10.23 -5.45 -17.42
C MET B 137 10.05 -6.33 -16.18
N VAL B 138 9.17 -5.93 -15.25
CA VAL B 138 8.95 -6.79 -14.08
C VAL B 138 8.31 -8.10 -14.50
N MET B 139 7.32 -8.03 -15.38
CA MET B 139 6.59 -9.23 -15.76
C MET B 139 7.49 -10.23 -16.50
N GLU B 140 8.49 -9.74 -17.22
CA GLU B 140 9.42 -10.58 -17.96
C GLU B 140 10.57 -11.11 -17.11
N SER B 141 10.67 -10.73 -15.84
CA SER B 141 11.83 -11.12 -15.04
C SER B 141 11.60 -12.51 -14.41
N GLY B 142 12.55 -12.94 -13.59
CA GLY B 142 12.51 -14.28 -13.02
C GLY B 142 11.42 -14.46 -11.99
N ASP B 143 11.11 -15.72 -11.68
CA ASP B 143 10.05 -16.06 -10.73
C ASP B 143 10.49 -16.04 -9.28
N TRP B 144 11.76 -15.76 -9.01
CA TRP B 144 12.24 -15.67 -7.65
C TRP B 144 12.86 -14.30 -7.46
N LEU B 145 12.94 -13.87 -6.19
CA LEU B 145 13.70 -12.71 -5.75
C LEU B 145 14.77 -13.19 -4.78
N VAL B 146 15.91 -12.51 -4.77
CA VAL B 146 16.97 -12.82 -3.82
C VAL B 146 17.33 -11.56 -3.06
N GLY B 147 17.32 -11.65 -1.75
CA GLY B 147 17.73 -10.57 -0.87
C GLY B 147 18.96 -10.95 -0.07
N GLY B 148 19.69 -9.97 0.45
CA GLY B 148 20.88 -10.28 1.21
C GLY B 148 21.70 -9.04 1.45
N ASP B 149 22.80 -9.23 2.19
CA ASP B 149 23.71 -8.14 2.48
C ASP B 149 24.63 -7.92 1.29
N LEU B 150 24.69 -6.70 0.79
CA LEU B 150 25.46 -6.43 -0.42
C LEU B 150 26.71 -5.65 -0.08
N GLN B 151 27.85 -6.13 -0.60
CA GLN B 151 29.10 -5.38 -0.51
C GLN B 151 29.57 -5.10 -1.92
N VAL B 152 29.72 -3.83 -2.25
CA VAL B 152 29.95 -3.43 -3.62
C VAL B 152 31.43 -3.09 -3.76
N LEU B 153 32.09 -3.68 -4.76
CA LEU B 153 33.55 -3.58 -4.82
C LEU B 153 34.01 -2.15 -5.07
N GLU B 154 33.42 -1.47 -6.04
CA GLU B 154 33.82 -0.09 -6.26
C GLU B 154 32.65 0.68 -6.87
N LYS B 155 32.82 2.00 -6.93
CA LYS B 155 31.84 2.87 -7.57
C LYS B 155 31.51 2.39 -8.98
N ILE B 156 30.21 2.30 -9.27
CA ILE B 156 29.72 1.85 -10.56
C ILE B 156 29.88 3.00 -11.55
N ARG B 157 30.78 2.86 -12.52
CA ARG B 157 30.95 3.87 -13.55
C ARG B 157 30.32 3.41 -14.86
N TRP B 158 29.77 4.34 -15.62
CA TRP B 158 29.20 4.02 -16.91
C TRP B 158 30.11 4.42 -18.06
N ASN B 159 31.11 5.26 -17.80
CA ASN B 159 32.16 5.61 -18.77
C ASN B 159 31.59 6.21 -20.05
N ASP B 160 30.55 7.02 -19.89
CA ASP B 160 29.83 7.67 -20.99
C ASP B 160 30.06 9.16 -21.03
N GLY B 161 30.99 9.67 -20.21
CA GLY B 161 31.20 11.10 -20.15
C GLY B 161 30.35 11.82 -19.11
N LEU B 162 29.46 11.11 -18.45
CA LEU B 162 28.58 11.74 -17.46
C LEU B 162 28.92 11.33 -16.03
N ASP B 163 29.90 10.45 -15.80
CA ASP B 163 30.14 10.04 -14.42
C ASP B 163 30.51 11.21 -13.52
N GLN B 164 31.09 12.28 -14.10
CA GLN B 164 31.43 13.49 -13.33
C GLN B 164 30.20 14.07 -12.63
N TYR B 165 29.02 13.85 -13.20
CA TYR B 165 27.78 14.34 -12.59
C TYR B 165 27.13 13.37 -11.61
N ARG B 166 27.49 12.10 -11.63
CA ARG B 166 26.88 11.09 -10.77
C ARG B 166 27.55 11.13 -9.39
N LEU B 167 27.11 12.08 -8.57
CA LEU B 167 27.69 12.29 -7.24
C LEU B 167 26.94 11.44 -6.22
N THR B 168 27.66 10.90 -5.24
CA THR B 168 27.03 10.17 -4.16
C THR B 168 26.40 11.14 -3.18
N PRO B 169 25.47 10.67 -2.36
CA PRO B 169 24.95 11.52 -1.27
C PRO B 169 26.03 12.14 -0.40
N LEU B 170 27.08 11.38 -0.04
CA LEU B 170 28.16 11.99 0.75
C LEU B 170 28.84 13.12 -0.02
N GLU B 171 29.11 12.92 -1.31
CA GLU B 171 29.73 13.96 -2.14
C GLU B 171 28.85 15.19 -2.27
N LEU B 172 27.52 15.00 -2.34
CA LEU B 172 26.62 16.14 -2.42
C LEU B 172 26.65 16.92 -1.11
N LYS B 173 26.64 16.22 0.03
CA LYS B 173 26.75 16.91 1.31
C LYS B 173 28.06 17.68 1.40
N GLN B 174 29.17 17.07 0.95
CA GLN B 174 30.46 17.78 0.97
C GLN B 174 30.43 19.01 0.06
N LYS B 175 29.81 18.89 -1.11
CA LYS B 175 29.75 20.04 -2.01
C LYS B 175 28.92 21.17 -1.39
N CYS B 176 27.78 20.82 -0.79
CA CYS B 176 26.96 21.84 -0.12
C CYS B 176 27.71 22.51 1.01
N LYS B 177 28.47 21.73 1.77
CA LYS B 177 29.32 22.28 2.82
C LYS B 177 30.32 23.27 2.24
N GLU B 178 30.99 22.90 1.15
CA GLU B 178 31.93 23.81 0.50
C GLU B 178 31.26 25.11 0.07
N MET B 179 29.96 25.07 -0.21
CA MET B 179 29.24 26.27 -0.61
C MET B 179 28.64 27.00 0.58
N ASN B 180 28.93 26.53 1.80
CA ASN B 180 28.33 27.10 3.01
C ASN B 180 26.81 27.12 2.94
N ALA B 181 26.22 26.10 2.29
CA ALA B 181 24.78 26.07 2.18
C ALA B 181 24.16 25.99 3.57
N ASP B 182 23.10 26.76 3.81
CA ASP B 182 22.30 26.50 5.00
C ASP B 182 20.90 26.05 4.67
N ALA B 183 20.54 26.00 3.40
CA ALA B 183 19.29 25.40 2.96
C ALA B 183 19.63 24.67 1.66
N VAL B 184 19.23 23.42 1.50
CA VAL B 184 19.40 22.74 0.22
C VAL B 184 18.02 22.38 -0.29
N PHE B 185 17.66 22.91 -1.46
CA PHE B 185 16.34 22.60 -2.01
C PHE B 185 16.50 21.86 -3.34
N ALA B 186 15.80 20.74 -3.47
CA ALA B 186 16.03 19.80 -4.56
C ALA B 186 14.87 19.81 -5.54
N PHE B 187 15.20 19.64 -6.83
CA PHE B 187 14.20 19.53 -7.90
C PHE B 187 14.49 18.26 -8.69
N GLN B 188 13.60 17.29 -8.58
CA GLN B 188 13.63 16.08 -9.41
C GLN B 188 13.04 16.37 -10.79
N LEU B 189 13.65 15.80 -11.83
CA LEU B 189 13.10 16.00 -13.16
C LEU B 189 13.66 14.95 -14.11
N ARG B 190 12.96 14.81 -15.26
CA ARG B 190 13.32 13.81 -16.24
C ARG B 190 13.17 14.41 -17.63
N ASN B 191 12.98 15.73 -17.74
CA ASN B 191 12.67 16.41 -18.98
CA ASN B 191 12.67 16.41 -18.98
C ASN B 191 13.57 17.63 -19.10
N PRO B 192 13.53 18.33 -20.24
CA PRO B 192 14.27 19.62 -20.35
C PRO B 192 13.71 20.67 -19.40
N VAL B 193 14.58 21.59 -18.98
CA VAL B 193 14.20 22.73 -18.12
C VAL B 193 13.78 23.91 -18.96
N HIS B 194 12.51 24.33 -18.87
CA HIS B 194 12.14 25.59 -19.48
C HIS B 194 11.97 26.63 -18.37
N ASN B 195 11.64 27.86 -18.79
CA ASN B 195 11.70 28.98 -17.88
C ASN B 195 10.55 29.03 -16.91
N GLY B 196 9.50 28.24 -17.13
CA GLY B 196 8.51 28.00 -16.08
C GLY B 196 9.10 27.20 -14.94
N HIS B 197 9.80 26.09 -15.26
CA HIS B 197 10.49 25.33 -14.21
C HIS B 197 11.45 26.23 -13.47
N ALA B 198 12.24 27.00 -14.23
CA ALA B 198 13.18 27.92 -13.62
C ALA B 198 12.47 28.92 -12.72
N LEU B 199 11.31 29.43 -13.16
CA LEU B 199 10.62 30.40 -12.30
C LEU B 199 10.28 29.79 -10.95
N LEU B 200 9.81 28.54 -10.95
CA LEU B 200 9.52 27.88 -9.69
C LEU B 200 10.77 27.78 -8.82
N MET B 201 11.87 27.33 -9.41
CA MET B 201 13.09 27.20 -8.62
C MET B 201 13.58 28.57 -8.10
N GLN B 202 13.46 29.63 -8.91
CA GLN B 202 13.88 30.98 -8.51
C GLN B 202 12.97 31.56 -7.42
N ASP B 203 11.66 31.27 -7.50
CA ASP B 203 10.79 31.76 -6.44
CA ASP B 203 10.71 31.68 -6.47
C ASP B 203 10.99 30.98 -5.14
N THR B 204 11.36 29.69 -5.22
CA THR B 204 11.73 28.97 -4.02
C THR B 204 12.98 29.56 -3.38
N ARG B 205 13.99 29.85 -4.20
CA ARG B 205 15.17 30.54 -3.67
C ARG B 205 14.78 31.86 -2.99
N ARG B 206 13.94 32.65 -3.64
CA ARG B 206 13.53 33.94 -3.07
C ARG B 206 12.81 33.76 -1.74
N ARG B 207 11.89 32.80 -1.66
CA ARG B 207 11.18 32.57 -0.40
C ARG B 207 12.13 32.11 0.69
N LEU B 208 13.12 31.26 0.37
CA LEU B 208 14.07 30.82 1.38
C LEU B 208 14.93 31.99 1.87
N LEU B 209 15.35 32.88 0.96
CA LEU B 209 16.13 34.05 1.38
C LEU B 209 15.30 34.92 2.33
N GLU B 210 14.02 35.09 2.03
CA GLU B 210 13.16 35.90 2.91
C GLU B 210 12.90 35.26 4.26
N ARG B 211 13.04 33.94 4.37
CA ARG B 211 12.94 33.27 5.68
C ARG B 211 14.19 33.45 6.51
N GLY B 212 15.26 33.99 5.93
CA GLY B 212 16.47 34.23 6.66
C GLY B 212 17.61 33.30 6.33
N TYR B 213 17.44 32.35 5.39
CA TYR B 213 18.58 31.54 4.96
C TYR B 213 19.57 32.40 4.18
N LYS B 214 20.86 32.26 4.48
CA LYS B 214 21.87 33.11 3.86
C LYS B 214 22.38 32.54 2.54
N HIS B 215 22.48 31.21 2.43
CA HIS B 215 23.04 30.55 1.25
C HIS B 215 22.19 29.34 0.87
N PRO B 216 21.01 29.56 0.34
CA PRO B 216 20.24 28.42 -0.18
C PRO B 216 20.90 27.93 -1.46
N VAL B 217 20.96 26.61 -1.61
CA VAL B 217 21.56 26.00 -2.78
C VAL B 217 20.51 25.13 -3.45
N LEU B 218 20.36 25.30 -4.76
CA LEU B 218 19.49 24.46 -5.58
C LEU B 218 20.24 23.21 -5.98
N LEU B 219 19.63 22.06 -5.72
CA LEU B 219 20.11 20.77 -6.20
C LEU B 219 19.23 20.42 -7.41
N LEU B 220 19.75 20.74 -8.59
CA LEU B 220 19.04 20.43 -9.84
C LEU B 220 19.45 18.99 -10.18
N HIS B 221 18.51 18.04 -10.06
CA HIS B 221 18.87 16.62 -9.89
C HIS B 221 18.15 15.72 -10.90
N PRO B 222 18.47 15.85 -12.18
CA PRO B 222 17.86 14.97 -13.20
C PRO B 222 18.09 13.50 -12.90
N LEU B 223 17.04 12.72 -13.12
CA LEU B 223 17.13 11.28 -12.98
C LEU B 223 17.82 10.69 -14.20
N GLY B 224 18.75 9.74 -13.97
CA GLY B 224 19.56 9.19 -15.06
C GLY B 224 19.70 7.68 -15.11
N GLY B 225 18.95 6.96 -14.28
CA GLY B 225 18.78 5.54 -14.49
C GLY B 225 17.82 5.30 -15.67
N TRP B 226 17.42 4.04 -15.82
CA TRP B 226 16.50 3.66 -16.89
C TRP B 226 15.33 4.63 -16.97
N THR B 227 15.03 5.10 -18.19
CA THR B 227 13.81 5.87 -18.46
C THR B 227 13.14 5.29 -19.70
N LYS B 228 11.87 5.67 -19.88
CA LYS B 228 11.11 5.09 -20.98
C LYS B 228 11.53 5.70 -22.33
N ASP B 229 11.15 5.01 -23.41
CA ASP B 229 11.65 5.29 -24.76
C ASP B 229 11.39 6.73 -25.24
N ASP B 230 10.30 7.35 -24.83
CA ASP B 230 9.94 8.64 -25.42
C ASP B 230 10.40 9.84 -24.59
N ASP B 231 11.19 9.62 -23.54
CA ASP B 231 11.81 10.72 -22.84
C ASP B 231 13.04 11.20 -23.66
N VAL B 232 13.37 12.48 -23.53
CA VAL B 232 14.66 12.97 -24.09
C VAL B 232 15.80 12.24 -23.39
N PRO B 233 16.78 11.69 -24.10
CA PRO B 233 17.84 10.92 -23.43
C PRO B 233 18.67 11.80 -22.50
N LEU B 234 19.28 11.14 -21.54
CA LEU B 234 20.01 11.80 -20.47
C LEU B 234 21.15 12.68 -20.99
N ASP B 235 21.92 12.21 -21.96
CA ASP B 235 23.02 13.08 -22.38
C ASP B 235 22.52 14.38 -22.99
N TRP B 236 21.45 14.32 -23.80
CA TRP B 236 20.85 15.54 -24.34
C TRP B 236 20.25 16.43 -23.25
N ARG B 237 19.65 15.82 -22.22
CA ARG B 237 19.12 16.64 -21.15
C ARG B 237 20.22 17.36 -20.38
N MET B 238 21.34 16.70 -20.16
CA MET B 238 22.41 17.38 -19.42
C MET B 238 22.99 18.52 -20.25
N LYS B 239 23.09 18.34 -21.56
CA LYS B 239 23.54 19.46 -22.40
C LYS B 239 22.57 20.62 -22.33
N GLN B 240 21.27 20.32 -22.33
CA GLN B 240 20.25 21.35 -22.24
C GLN B 240 20.31 22.08 -20.89
N HIS B 241 20.50 21.33 -19.78
CA HIS B 241 20.58 21.96 -18.46
C HIS B 241 21.83 22.84 -18.36
N ALA B 242 22.94 22.38 -18.93
CA ALA B 242 24.17 23.18 -18.93
C ALA B 242 23.94 24.49 -19.69
N ALA B 243 23.15 24.45 -20.76
CA ALA B 243 22.87 25.67 -21.49
C ALA B 243 22.03 26.64 -20.65
N VAL B 244 21.03 26.12 -19.91
CA VAL B 244 20.25 26.97 -19.01
C VAL B 244 21.15 27.68 -18.01
N LEU B 245 22.11 26.95 -17.44
CA LEU B 245 23.02 27.56 -16.46
C LEU B 245 23.96 28.58 -17.11
N GLU B 246 24.47 28.26 -18.31
CA GLU B 246 25.38 29.20 -18.98
C GLU B 246 24.68 30.50 -19.37
N GLU B 247 23.38 30.42 -19.67
CA GLU B 247 22.58 31.60 -19.92
C GLU B 247 22.22 32.38 -18.66
N GLY B 248 22.51 31.85 -17.47
CA GLY B 248 22.18 32.54 -16.25
C GLY B 248 20.72 32.51 -15.82
N VAL B 249 19.87 31.72 -16.49
CA VAL B 249 18.50 31.52 -16.06
C VAL B 249 18.44 30.89 -14.67
N LEU B 250 19.35 29.96 -14.38
CA LEU B 250 19.68 29.54 -13.02
C LEU B 250 21.11 29.98 -12.76
N ASP B 251 21.42 30.37 -11.51
CA ASP B 251 22.76 30.86 -11.17
C ASP B 251 23.71 29.70 -10.87
N PRO B 252 24.75 29.50 -11.67
CA PRO B 252 25.73 28.45 -11.35
C PRO B 252 26.36 28.60 -9.96
N LYS B 253 26.47 29.82 -9.43
CA LYS B 253 27.16 29.99 -8.14
C LYS B 253 26.35 29.42 -6.97
N SER B 254 25.07 29.18 -7.16
CA SER B 254 24.25 28.68 -6.07
C SER B 254 23.44 27.46 -6.52
N THR B 255 23.94 26.73 -7.51
CA THR B 255 23.24 25.56 -8.03
C THR B 255 24.24 24.44 -8.16
N ILE B 256 23.84 23.23 -7.78
CA ILE B 256 24.61 22.01 -8.04
C ILE B 256 23.81 21.25 -9.06
N VAL B 257 24.42 20.89 -10.18
CA VAL B 257 23.76 20.00 -11.14
C VAL B 257 24.35 18.60 -10.97
N ALA B 258 23.49 17.61 -10.71
CA ALA B 258 24.00 16.26 -10.50
C ALA B 258 22.98 15.28 -11.05
N ILE B 259 23.39 14.03 -11.28
CA ILE B 259 22.52 13.01 -11.84
C ILE B 259 22.15 12.02 -10.74
N PHE B 260 20.86 11.81 -10.55
CA PHE B 260 20.34 10.83 -9.61
C PHE B 260 20.30 9.48 -10.32
N PRO B 261 21.01 8.45 -9.84
CA PRO B 261 21.22 7.24 -10.66
C PRO B 261 20.10 6.22 -10.64
N SER B 262 18.97 6.52 -10.07
CA SER B 262 17.91 5.52 -9.95
C SER B 262 17.20 5.27 -11.29
N PRO B 263 16.85 4.02 -11.60
CA PRO B 263 15.84 3.79 -12.64
C PRO B 263 14.55 4.52 -12.27
N MET B 264 13.77 4.91 -13.28
CA MET B 264 12.46 5.50 -13.03
C MET B 264 11.37 4.43 -13.19
N LEU B 265 10.46 4.35 -12.21
CA LEU B 265 9.35 3.39 -12.31
C LEU B 265 8.15 3.93 -13.08
N TYR B 266 7.96 5.26 -13.11
CA TYR B 266 6.70 5.89 -13.50
C TYR B 266 5.54 5.33 -12.67
N ALA B 267 5.69 5.37 -11.33
CA ALA B 267 4.65 4.89 -10.44
C ALA B 267 3.95 5.98 -9.63
N GLY B 268 3.94 7.24 -10.13
CA GLY B 268 3.13 8.30 -9.56
C GLY B 268 3.36 8.50 -8.08
N PRO B 269 2.28 8.53 -7.27
CA PRO B 269 2.43 8.89 -5.86
C PRO B 269 3.26 7.92 -5.05
N THR B 270 3.37 6.66 -5.46
CA THR B 270 4.24 5.75 -4.72
C THR B 270 5.71 6.12 -4.96
N GLU B 271 6.02 6.46 -6.17
CA GLU B 271 7.39 6.76 -6.52
C GLU B 271 7.81 8.16 -6.09
N VAL B 272 6.89 9.12 -5.99
CA VAL B 272 7.31 10.46 -5.55
CA VAL B 272 7.36 10.45 -5.57
C VAL B 272 7.91 10.41 -4.15
N GLN B 273 7.39 9.52 -3.28
CA GLN B 273 8.01 9.36 -1.96
C GLN B 273 9.48 8.96 -2.08
N TRP B 274 9.78 8.03 -2.99
CA TRP B 274 11.17 7.59 -3.20
C TRP B 274 12.03 8.75 -3.73
N HIS B 275 11.48 9.53 -4.67
CA HIS B 275 12.21 10.67 -5.20
C HIS B 275 12.51 11.68 -4.11
N CYS B 276 11.60 11.83 -3.16
CA CYS B 276 11.82 12.80 -2.08
C CYS B 276 12.80 12.25 -1.02
N ARG B 277 12.55 11.02 -0.54
CA ARG B 277 13.41 10.46 0.51
C ARG B 277 14.86 10.30 0.05
N SER B 278 15.10 10.04 -1.23
CA SER B 278 16.48 9.93 -1.68
CA SER B 278 16.47 9.95 -1.75
C SER B 278 17.18 11.28 -1.65
N ARG B 279 16.48 12.36 -2.00
CA ARG B 279 17.09 13.69 -1.93
C ARG B 279 17.33 14.08 -0.47
N MET B 280 16.43 13.65 0.42
CA MET B 280 16.62 13.85 1.86
C MET B 280 17.91 13.22 2.34
N ILE B 281 18.19 11.98 1.91
CA ILE B 281 19.45 11.33 2.31
C ILE B 281 20.63 12.17 1.85
N ALA B 282 20.50 12.81 0.70
CA ALA B 282 21.60 13.63 0.20
C ALA B 282 21.67 15.00 0.88
N GLY B 283 20.86 15.24 1.90
CA GLY B 283 20.89 16.49 2.63
C GLY B 283 19.90 17.54 2.20
N ALA B 284 18.97 17.25 1.27
CA ALA B 284 18.02 18.30 0.92
C ALA B 284 17.02 18.47 2.05
N ASN B 285 16.87 19.71 2.53
CA ASN B 285 15.86 20.05 3.51
C ASN B 285 14.53 20.44 2.86
N PHE B 286 14.54 20.74 1.56
CA PHE B 286 13.34 21.20 0.88
C PHE B 286 13.23 20.46 -0.43
N TYR B 287 12.00 20.10 -0.79
CA TYR B 287 11.78 19.28 -1.99
C TYR B 287 10.66 19.89 -2.81
N ILE B 288 10.97 20.31 -4.03
CA ILE B 288 9.97 20.94 -4.90
C ILE B 288 9.29 19.84 -5.70
N VAL B 289 7.96 19.72 -5.55
CA VAL B 289 7.20 18.75 -6.33
C VAL B 289 6.99 19.27 -7.75
N GLY B 290 7.07 18.35 -8.75
CA GLY B 290 6.82 18.72 -10.12
C GLY B 290 5.36 18.50 -10.52
N ARG B 291 5.07 18.79 -11.79
CA ARG B 291 3.72 18.58 -12.29
C ARG B 291 3.52 17.10 -12.57
N ASP B 292 2.36 16.57 -12.18
CA ASP B 292 2.02 15.16 -12.42
C ASP B 292 3.19 14.24 -12.03
N PRO B 293 3.67 14.33 -10.79
CA PRO B 293 5.01 13.79 -10.52
C PRO B 293 5.05 12.28 -10.70
N ALA B 294 6.12 11.81 -11.39
CA ALA B 294 6.35 10.39 -11.67
C ALA B 294 5.18 9.75 -12.43
N GLY B 295 4.42 10.56 -13.17
CA GLY B 295 3.25 10.07 -13.87
C GLY B 295 3.56 9.75 -15.33
N MET B 296 2.62 9.08 -15.97
CA MET B 296 2.70 8.87 -17.41
C MET B 296 1.31 8.51 -17.92
N PRO B 297 1.03 8.73 -19.21
CA PRO B 297 -0.27 8.37 -19.74
C PRO B 297 -0.46 6.87 -19.74
N HIS B 298 -1.66 6.43 -19.39
CA HIS B 298 -2.02 5.04 -19.55
C HIS B 298 -1.77 4.63 -21.01
N PRO B 299 -1.02 3.56 -21.19
CA PRO B 299 -0.79 3.15 -22.55
C PRO B 299 -2.14 2.75 -23.10
N GLU B 300 -2.15 2.77 -24.42
CA GLU B 300 -3.31 2.58 -25.31
C GLU B 300 -4.30 3.76 -25.23
N THR B 301 -5.03 3.94 -24.13
CA THR B 301 -5.96 5.07 -23.98
C THR B 301 -5.29 6.44 -23.97
N LYS B 302 -4.19 6.51 -23.25
CA LYS B 302 -3.47 7.78 -23.26
C LYS B 302 -4.01 8.80 -22.26
N LYS B 303 -4.89 8.40 -21.35
CA LYS B 303 -5.19 9.28 -20.24
C LYS B 303 -4.23 9.02 -19.09
N ASP B 304 -4.09 10.04 -18.23
CA ASP B 304 -3.21 10.01 -17.07
C ASP B 304 -3.43 8.76 -16.24
N LEU B 305 -2.35 8.05 -15.99
CA LEU B 305 -2.43 6.88 -15.12
C LEU B 305 -2.85 7.27 -13.70
N TYR B 306 -2.36 8.41 -13.20
CA TYR B 306 -2.56 8.82 -11.82
C TYR B 306 -3.32 10.14 -11.77
N GLU B 307 -4.03 10.34 -10.69
CA GLU B 307 -4.69 11.60 -10.45
C GLU B 307 -3.64 12.67 -10.17
N PRO B 308 -3.64 13.80 -10.89
CA PRO B 308 -2.46 14.69 -10.88
C PRO B 308 -2.21 15.40 -9.55
N THR B 309 -3.17 15.44 -8.63
CA THR B 309 -2.95 16.02 -7.32
C THR B 309 -2.45 14.99 -6.30
N HIS B 310 -2.50 13.69 -6.61
CA HIS B 310 -2.24 12.69 -5.58
C HIS B 310 -0.79 12.69 -5.15
N GLY B 311 0.15 12.90 -6.07
CA GLY B 311 1.55 12.85 -5.65
C GLY B 311 1.84 13.82 -4.53
N GLY B 312 1.40 15.08 -4.68
CA GLY B 312 1.61 16.08 -3.63
C GLY B 312 0.81 15.79 -2.36
N LYS B 313 -0.43 15.30 -2.49
CA LYS B 313 -1.22 14.96 -1.30
C LYS B 313 -0.61 13.81 -0.51
N VAL B 314 -0.23 12.74 -1.21
CA VAL B 314 0.39 11.57 -0.58
C VAL B 314 1.73 11.94 0.03
N LEU B 315 2.54 12.72 -0.69
CA LEU B 315 3.80 13.14 -0.10
C LEU B 315 3.60 13.91 1.19
N SER B 316 2.56 14.74 1.26
CA SER B 316 2.28 15.49 2.49
CA SER B 316 2.31 15.49 2.48
C SER B 316 1.83 14.63 3.64
N MET B 317 1.31 13.45 3.37
CA MET B 317 0.84 12.58 4.43
C MET B 317 1.83 11.45 4.78
N ALA B 318 2.93 11.38 4.08
CA ALA B 318 3.74 10.16 4.15
C ALA B 318 4.52 10.12 5.45
N PRO B 319 4.69 8.92 6.02
CA PRO B 319 5.51 8.76 7.22
C PRO B 319 7.00 8.77 6.89
N GLY B 320 7.79 9.16 7.89
CA GLY B 320 9.24 9.06 7.75
C GLY B 320 9.90 10.14 6.92
N LEU B 321 9.26 11.27 6.72
CA LEU B 321 9.82 12.36 5.95
C LEU B 321 9.84 13.65 6.77
N THR B 322 10.07 13.51 8.08
CA THR B 322 9.88 14.66 8.97
C THR B 322 10.94 15.73 8.73
N SER B 323 12.11 15.36 8.23
CA SER B 323 13.18 16.35 8.07
C SER B 323 13.16 17.09 6.72
N VAL B 324 12.17 16.87 5.87
CA VAL B 324 12.03 17.57 4.60
CA VAL B 324 12.06 17.60 4.62
C VAL B 324 10.76 18.39 4.60
N GLU B 325 10.85 19.61 4.10
CA GLU B 325 9.67 20.40 3.81
C GLU B 325 9.34 20.29 2.34
N ILE B 326 8.07 20.01 2.04
CA ILE B 326 7.58 19.92 0.66
C ILE B 326 7.21 21.31 0.13
N ILE B 327 7.83 21.70 -0.98
CA ILE B 327 7.51 22.96 -1.66
C ILE B 327 6.50 22.65 -2.74
N PRO B 328 5.25 23.09 -2.62
CA PRO B 328 4.21 22.73 -3.59
C PRO B 328 4.55 23.14 -5.02
N PHE B 329 4.10 22.32 -5.97
CA PHE B 329 4.22 22.69 -7.38
C PHE B 329 3.31 23.90 -7.65
N ARG B 330 3.80 24.85 -8.45
CA ARG B 330 3.00 25.96 -8.96
C ARG B 330 3.09 25.99 -10.48
N VAL B 331 1.94 25.92 -11.15
CA VAL B 331 1.92 26.01 -12.60
C VAL B 331 2.41 27.38 -13.05
N ALA B 332 3.37 27.39 -13.95
CA ALA B 332 3.77 28.59 -14.67
C ALA B 332 3.42 28.42 -16.14
N ALA B 333 3.34 29.54 -16.84
CA ALA B 333 2.91 29.53 -18.24
C ALA B 333 3.41 30.81 -18.89
N TYR B 334 3.40 30.79 -20.22
CA TYR B 334 3.84 31.96 -20.97
C TYR B 334 2.77 33.04 -20.93
N ASN B 335 3.09 34.18 -20.31
CA ASN B 335 2.18 35.32 -20.22
C ASN B 335 2.36 36.20 -21.46
N LYS B 336 1.29 36.36 -22.24
CA LYS B 336 1.38 37.13 -23.47
C LYS B 336 1.34 38.64 -23.23
N ALA B 337 0.78 39.10 -22.10
CA ALA B 337 0.76 40.52 -21.77
C ALA B 337 2.18 41.07 -21.68
N LYS B 338 2.89 40.75 -20.60
CA LYS B 338 4.34 40.85 -20.63
C LYS B 338 4.82 39.74 -21.54
N LYS B 339 6.08 39.35 -21.49
CA LYS B 339 6.43 38.14 -22.24
C LYS B 339 7.18 37.10 -21.43
N ALA B 340 7.60 37.38 -20.22
CA ALA B 340 8.23 36.34 -19.44
C ALA B 340 7.21 35.24 -19.06
N MET B 341 7.74 34.10 -18.63
CA MET B 341 6.92 33.13 -17.92
C MET B 341 6.39 33.76 -16.63
N ASP B 342 5.30 33.20 -16.13
CA ASP B 342 4.71 33.75 -14.92
C ASP B 342 3.80 32.69 -14.34
N PHE B 343 3.54 32.80 -13.05
CA PHE B 343 2.66 31.85 -12.41
C PHE B 343 1.23 32.00 -12.94
N TYR B 344 0.61 30.86 -13.26
CA TYR B 344 -0.71 30.88 -13.85
C TYR B 344 -1.75 31.32 -12.83
N ASP B 345 -2.69 32.15 -13.28
CA ASP B 345 -3.84 32.56 -12.48
C ASP B 345 -5.08 32.33 -13.35
N PRO B 346 -5.99 31.43 -12.96
CA PRO B 346 -7.22 31.26 -13.74
C PRO B 346 -7.98 32.56 -13.97
N ALA B 347 -7.93 33.47 -13.00
CA ALA B 347 -8.60 34.76 -13.11
C ALA B 347 -8.07 35.60 -14.28
N ARG B 348 -6.91 35.24 -14.83
CA ARG B 348 -6.37 35.90 -16.00
C ARG B 348 -6.10 34.90 -17.13
N HIS B 349 -6.89 33.82 -17.17
CA HIS B 349 -6.67 32.68 -18.05
C HIS B 349 -6.21 33.04 -19.46
N ASN B 350 -6.85 34.05 -20.07
CA ASN B 350 -6.61 34.29 -21.49
C ASN B 350 -5.27 34.93 -21.80
N GLU B 351 -4.53 35.39 -20.78
CA GLU B 351 -3.19 35.94 -21.03
C GLU B 351 -2.14 34.86 -21.25
N PHE B 352 -2.42 33.63 -20.84
CA PHE B 352 -1.42 32.58 -20.78
C PHE B 352 -1.58 31.59 -21.92
N ASP B 353 -0.44 31.08 -22.39
CA ASP B 353 -0.41 30.04 -23.40
C ASP B 353 0.58 28.97 -22.98
N PHE B 354 0.12 27.72 -22.96
CA PHE B 354 0.90 26.61 -22.47
C PHE B 354 1.69 25.96 -23.59
N ILE B 355 2.84 25.40 -23.24
CA ILE B 355 3.74 24.79 -24.21
C ILE B 355 4.21 23.46 -23.64
N SER B 356 3.67 22.37 -24.17
CA SER B 356 4.01 21.04 -23.74
C SER B 356 5.23 20.51 -24.49
N GLY B 357 5.70 19.33 -24.09
CA GLY B 357 6.81 18.70 -24.79
C GLY B 357 6.45 18.32 -26.22
N THR B 358 5.20 17.89 -26.43
CA THR B 358 4.73 17.63 -27.79
CA THR B 358 4.73 17.63 -27.79
C THR B 358 4.75 18.90 -28.62
N ARG B 359 4.30 20.02 -28.03
CA ARG B 359 4.34 21.29 -28.72
C ARG B 359 5.77 21.65 -29.12
N MET B 360 6.74 21.45 -28.22
CA MET B 360 8.14 21.75 -28.55
C MET B 360 8.65 20.88 -29.69
N ARG B 361 8.32 19.57 -29.69
CA ARG B 361 8.77 18.73 -30.77
C ARG B 361 8.15 19.17 -32.10
N LYS B 362 6.88 19.57 -32.07
CA LYS B 362 6.25 20.01 -33.30
C LYS B 362 6.82 21.33 -33.77
N LEU B 363 7.15 22.20 -32.82
CA LEU B 363 7.76 23.49 -33.14
C LEU B 363 9.10 23.26 -33.85
N ALA B 364 9.94 22.39 -33.29
CA ALA B 364 11.20 22.06 -33.94
C ALA B 364 10.95 21.46 -35.32
N ARG B 365 9.94 20.61 -35.43
CA ARG B 365 9.68 19.90 -36.69
C ARG B 365 9.41 20.88 -37.83
N GLU B 366 8.74 21.99 -37.55
CA GLU B 366 8.49 23.00 -38.57
C GLU B 366 9.57 24.07 -38.60
N GLY B 367 10.67 23.86 -37.88
CA GLY B 367 11.71 24.87 -37.79
C GLY B 367 11.28 26.16 -37.09
N GLU B 368 10.36 26.07 -36.14
CA GLU B 368 9.84 27.21 -35.42
C GLU B 368 10.47 27.32 -34.03
N ASN B 369 10.45 28.51 -33.50
CA ASN B 369 10.94 28.77 -32.16
C ASN B 369 9.78 28.96 -31.21
N PRO B 370 9.96 28.66 -29.94
CA PRO B 370 8.95 28.99 -28.96
C PRO B 370 8.91 30.49 -28.76
N PRO B 371 7.90 31.01 -28.05
CA PRO B 371 7.86 32.45 -27.76
C PRO B 371 9.08 32.92 -26.99
N ASP B 372 9.48 34.17 -27.23
CA ASP B 372 10.64 34.73 -26.55
C ASP B 372 10.43 34.75 -25.04
N GLY B 373 11.34 34.12 -24.29
CA GLY B 373 11.21 34.00 -22.85
C GLY B 373 10.70 32.67 -22.36
N PHE B 374 10.31 31.75 -23.25
CA PHE B 374 9.90 30.41 -22.80
C PHE B 374 11.11 29.57 -22.41
N MET B 375 12.18 29.63 -23.21
CA MET B 375 13.40 28.86 -22.95
C MET B 375 14.61 29.68 -23.35
N ALA B 376 15.66 29.61 -22.53
CA ALA B 376 16.94 30.20 -22.87
C ALA B 376 17.34 29.81 -24.30
N PRO B 377 17.76 30.77 -25.14
CA PRO B 377 18.05 30.45 -26.56
C PRO B 377 19.08 29.35 -26.80
N LYS B 378 20.16 29.32 -26.03
CA LYS B 378 21.15 28.25 -26.21
C LYS B 378 20.58 26.89 -25.84
N ALA B 379 19.68 26.87 -24.86
CA ALA B 379 19.09 25.60 -24.45
C ALA B 379 18.06 25.12 -25.47
N TRP B 380 17.30 26.04 -26.05
CA TRP B 380 16.43 25.66 -27.15
C TRP B 380 17.26 25.09 -28.30
N LYS B 381 18.43 25.65 -28.56
CA LYS B 381 19.24 25.14 -29.66
C LYS B 381 19.72 23.72 -29.38
N VAL B 382 20.06 23.43 -28.13
CA VAL B 382 20.33 22.03 -27.78
C VAL B 382 19.16 21.14 -28.17
N LEU B 383 17.93 21.56 -27.81
CA LEU B 383 16.79 20.70 -28.13
C LEU B 383 16.56 20.57 -29.65
N THR B 384 16.76 21.64 -30.40
CA THR B 384 16.56 21.47 -31.84
C THR B 384 17.62 20.55 -32.43
N ASP B 385 18.85 20.58 -31.88
CA ASP B 385 19.85 19.60 -32.33
C ASP B 385 19.41 18.18 -32.00
N TYR B 386 18.84 17.99 -30.80
CA TYR B 386 18.34 16.69 -30.43
C TYR B 386 17.29 16.20 -31.43
N TYR B 387 16.27 17.01 -31.69
CA TYR B 387 15.19 16.54 -32.56
C TYR B 387 15.72 16.27 -33.95
N ARG B 388 16.65 17.09 -34.42
CA ARG B 388 17.26 16.87 -35.73
C ARG B 388 18.08 15.58 -35.77
N SER B 389 18.69 15.20 -34.64
CA SER B 389 19.51 13.98 -34.62
C SER B 389 18.68 12.71 -34.85
N LEU B 390 17.36 12.77 -34.69
CA LEU B 390 16.47 11.64 -34.90
C LEU B 390 16.03 11.49 -36.37
N GLU B 391 16.75 12.10 -37.31
CA GLU B 391 16.48 11.89 -38.74
C GLU B 391 17.57 11.03 -39.38
S SO4 C . -33.62 -10.66 18.20
O1 SO4 C . -34.92 -10.28 17.62
O2 SO4 C . -33.81 -11.24 19.52
O3 SO4 C . -32.83 -11.62 17.44
O4 SO4 C . -32.89 -9.40 18.34
S SO4 D . -10.86 -16.36 7.33
O1 SO4 D . -12.15 -15.92 7.79
O2 SO4 D . -10.75 -17.79 7.64
O3 SO4 D . -10.79 -16.12 5.90
O4 SO4 D . -9.80 -15.65 8.07
S SO4 E . -21.99 6.43 -12.72
O1 SO4 E . -23.05 7.33 -13.20
O2 SO4 E . -22.58 5.32 -11.96
O3 SO4 E . -21.26 5.87 -13.86
O4 SO4 E . -21.07 7.21 -11.91
S SO4 F . -10.08 -24.92 7.12
O1 SO4 F . -11.47 -24.82 7.54
O2 SO4 F . -9.64 -26.31 7.20
O3 SO4 F . -9.96 -24.43 5.75
O4 SO4 F . -9.24 -24.11 8.00
S SO4 G . -16.22 -35.04 19.17
O1 SO4 G . -17.07 -34.00 19.75
O2 SO4 G . -16.98 -36.27 18.93
O3 SO4 G . -15.74 -34.54 17.89
O4 SO4 G . -15.07 -35.30 20.06
S SO4 H . 3.51 -18.99 25.32
O1 SO4 H . 2.51 -18.75 26.35
O2 SO4 H . 3.53 -20.38 24.95
O3 SO4 H . 3.42 -18.10 24.18
O4 SO4 H . 4.79 -18.67 25.91
S SO4 I . -27.36 20.68 12.26
O1 SO4 I . -28.39 21.38 11.50
O2 SO4 I . -27.98 19.75 13.21
O3 SO4 I . -26.49 19.95 11.34
O4 SO4 I . -26.56 21.65 13.01
C2 BGC J . -24.27 -14.55 1.22
C3 BGC J . -25.02 -15.37 2.24
C4 BGC J . -24.47 -15.03 3.65
C5 BGC J . -24.63 -13.53 3.89
C6 BGC J . -23.94 -13.16 5.26
C1 BGC J . -24.53 -13.09 1.54
O1 BGC J . -23.78 -12.23 0.67
O2 BGC J . -24.71 -14.84 -0.11
O3 BGC J . -24.82 -16.77 1.98
O4 BGC J . -25.17 -15.72 4.69
O5 BGC J . -24.02 -12.81 2.83
O6 BGC J . -22.54 -13.63 5.32
S SO4 K . 12.07 -18.21 -14.59
O1 SO4 K . 11.91 -17.73 -13.23
O2 SO4 K . 10.75 -18.32 -15.22
O3 SO4 K . 12.88 -17.29 -15.37
O4 SO4 K . 12.71 -19.53 -14.53
S SO4 L . 8.92 13.88 -12.77
O1 SO4 L . 8.62 14.10 -11.38
O2 SO4 L . 8.14 12.80 -13.32
O3 SO4 L . 8.65 15.15 -13.49
O4 SO4 L . 10.32 13.58 -12.94
S SO4 M . 15.49 34.04 -21.57
O1 SO4 M . 14.52 34.65 -20.66
O2 SO4 M . 15.57 32.62 -21.25
O3 SO4 M . 15.07 34.21 -22.97
O4 SO4 M . 16.81 34.64 -21.37
S SO4 N . 33.47 -13.47 4.85
O1 SO4 N . 33.24 -13.38 6.29
O2 SO4 N . 32.19 -13.42 4.13
O3 SO4 N . 34.13 -14.74 4.52
O4 SO4 N . 34.32 -12.36 4.43
S SO4 O . 5.96 20.10 -18.28
O1 SO4 O . 5.29 21.16 -17.52
O2 SO4 O . 5.61 18.79 -17.73
O3 SO4 O . 5.52 20.19 -19.67
O4 SO4 O . 7.41 20.27 -18.22
C2 BGC P . 16.65 5.44 -22.23
C3 BGC P . 17.65 6.52 -22.64
C4 BGC P . 18.07 7.32 -21.36
C5 BGC P . 18.70 6.33 -20.34
C6 BGC P . 18.95 7.06 -18.97
C1 BGC P . 17.38 4.53 -21.25
O1 BGC P . 16.52 3.52 -20.70
O2 BGC P . 16.18 4.70 -23.37
O3 BGC P . 17.05 7.38 -23.59
O4 BGC P . 19.02 8.37 -21.62
O5 BGC P . 17.76 5.29 -20.12
O6 BGC P . 17.76 7.78 -18.49
#